data_1C94
# 
_entry.id   1C94 
# 
_audit_conform.dict_name       mmcif_pdbx.dic 
_audit_conform.dict_version    5.385 
_audit_conform.dict_location   http://mmcif.pdb.org/dictionaries/ascii/mmcif_pdbx.dic 
# 
loop_
_database_2.database_id 
_database_2.database_code 
_database_2.pdbx_database_accession 
_database_2.pdbx_DOI 
PDB   1C94         pdb_00001c94 10.2210/pdb1c94/pdb 
RCSB  RCSB009446   ?            ?                   
WWPDB D_1000009446 ?            ?                   
# 
loop_
_pdbx_audit_revision_history.ordinal 
_pdbx_audit_revision_history.data_content_type 
_pdbx_audit_revision_history.major_revision 
_pdbx_audit_revision_history.minor_revision 
_pdbx_audit_revision_history.revision_date 
1 'Structure model' 1 0 2000-03-22 
2 'Structure model' 1 1 2008-04-27 
3 'Structure model' 1 2 2011-07-13 
4 'Structure model' 1 3 2017-10-04 
5 'Structure model' 1 4 2019-07-24 
6 'Structure model' 1 5 2019-08-14 
7 'Structure model' 1 6 2024-02-07 
# 
_pdbx_audit_revision_details.ordinal             1 
_pdbx_audit_revision_details.revision_ordinal    1 
_pdbx_audit_revision_details.data_content_type   'Structure model' 
_pdbx_audit_revision_details.provider            repository 
_pdbx_audit_revision_details.type                'Initial release' 
_pdbx_audit_revision_details.description         ? 
_pdbx_audit_revision_details.details             ? 
# 
loop_
_pdbx_audit_revision_group.ordinal 
_pdbx_audit_revision_group.revision_ordinal 
_pdbx_audit_revision_group.data_content_type 
_pdbx_audit_revision_group.group 
1 2 'Structure model' 'Version format compliance' 
2 3 'Structure model' 'Version format compliance' 
3 4 'Structure model' 'Refinement description'    
4 5 'Structure model' 'Data collection'           
5 5 'Structure model' 'Refinement description'    
6 6 'Structure model' 'Data collection'           
7 7 'Structure model' 'Data collection'           
8 7 'Structure model' 'Database references'       
# 
loop_
_pdbx_audit_revision_category.ordinal 
_pdbx_audit_revision_category.revision_ordinal 
_pdbx_audit_revision_category.data_content_type 
_pdbx_audit_revision_category.category 
1 4 'Structure model' software       
2 5 'Structure model' software       
3 6 'Structure model' computing      
4 7 'Structure model' chem_comp_atom 
5 7 'Structure model' chem_comp_bond 
6 7 'Structure model' database_2     
# 
loop_
_pdbx_audit_revision_item.ordinal 
_pdbx_audit_revision_item.revision_ordinal 
_pdbx_audit_revision_item.data_content_type 
_pdbx_audit_revision_item.item 
1 4 'Structure model' '_software.classification'            
2 4 'Structure model' '_software.name'                      
3 5 'Structure model' '_software.classification'            
4 5 'Structure model' '_software.name'                      
5 7 'Structure model' '_database_2.pdbx_DOI'                
6 7 'Structure model' '_database_2.pdbx_database_accession' 
# 
_pdbx_database_status.status_code                     REL 
_pdbx_database_status.entry_id                        1C94 
_pdbx_database_status.recvd_initial_deposition_date   1999-07-30 
_pdbx_database_status.deposit_site                    RCSB 
_pdbx_database_status.process_site                    RCSB 
_pdbx_database_status.SG_entry                        . 
_pdbx_database_status.pdb_format_compatible           Y 
_pdbx_database_status.status_code_mr                  ? 
_pdbx_database_status.status_code_sf                  ? 
_pdbx_database_status.status_code_cs                  ? 
_pdbx_database_status.methods_development_category    ? 
_pdbx_database_status.status_code_nmr_data            ? 
# 
loop_
_audit_author.name 
_audit_author.pdbx_ordinal 
'Mittl, P.R.E.'  1 
'Deillon, C.A.'  2 
'Sargent, D.'    3 
'Liu, N.'        4 
'Klauser, S.'    5 
'Thomas, R.M.'   6 
'Gutte, B.'      7 
'Gruetter, M.G.' 8 
# 
loop_
_citation.id 
_citation.title 
_citation.journal_abbrev 
_citation.journal_volume 
_citation.page_first 
_citation.page_last 
_citation.year 
_citation.journal_id_ASTM 
_citation.country 
_citation.journal_id_ISSN 
_citation.journal_id_CSD 
_citation.book_publisher 
_citation.pdbx_database_id_PubMed 
_citation.pdbx_database_id_DOI 
primary 'The retro-GCN4 leucine zipper sequence forms a stable three-dimensional structure.'            Proc.Natl.Acad.Sci.USA 97  
2562 2566 2000 PNASA6 US 0027-8424 0040 ? 10716989 10.1073/pnas.97.6.2562 
1       'X-Ray Structure of the GCN4 Leucine Zipper, a Two-Stranded, Parallel Coiled Coil.'             Science                254 
539  544  1991 SCIEAS US 0036-8075 0038 ? ?        ?                      
2       'A Switch Between Two-, Three-, and Four-Stranded Coiled Coils in GCN4 Leucine Zipper Mutants.' Science                262 
1401 1407 1993 SCIEAS US 0036-8075 0038 ? ?        ?                      
# 
loop_
_citation_author.citation_id 
_citation_author.name 
_citation_author.ordinal 
_citation_author.identifier_ORCID 
primary 'Mittl, P.R.'   1  ? 
primary 'Deillon, C.'   2  ? 
primary 'Sargent, D.'   3  ? 
primary 'Liu, N.'       4  ? 
primary 'Klauser, S.'   5  ? 
primary 'Thomas, R.M.'  6  ? 
primary 'Gutte, B.'     7  ? 
primary 'Grutter, M.G.' 8  ? 
1       
;O'Shea, E.K.
;
9  ? 
1       'Klemm, J.D.'   10 ? 
1       'Kim, P.S.'     11 ? 
1       'Alber, T.'     12 ? 
2       'Harbury, P.B.' 13 ? 
2       'Zhang, T.'     14 ? 
2       'Kim, P.S.'     15 ? 
2       'Alber, T.'     16 ? 
# 
loop_
_entity.id 
_entity.type 
_entity.src_method 
_entity.pdbx_description 
_entity.formula_weight 
_entity.pdbx_number_of_molecules 
_entity.pdbx_ec 
_entity.pdbx_mutation 
_entity.pdbx_fragment 
_entity.details 
1 polymer syn 'RETRO-GCN4 LEUCINE ZIPPER' 4464.196 2  ? ? ? ? 
2 water   nat water                       18.015   59 ? ? ? ? 
# 
_entity_poly.entity_id                      1 
_entity_poly.type                           'polypeptide(L)' 
_entity_poly.nstd_linkage                   no 
_entity_poly.nstd_monomer                   no 
_entity_poly.pdbx_seq_one_letter_code       CGGREGVLKKLRAVENELHYNKSLLEEVKDELQKMRQL 
_entity_poly.pdbx_seq_one_letter_code_can   CGGREGVLKKLRAVENELHYNKSLLEEVKDELQKMRQL 
_entity_poly.pdbx_strand_id                 A,B 
_entity_poly.pdbx_target_identifier         ? 
# 
_pdbx_entity_nonpoly.entity_id   2 
_pdbx_entity_nonpoly.name        water 
_pdbx_entity_nonpoly.comp_id     HOH 
# 
loop_
_entity_poly_seq.entity_id 
_entity_poly_seq.num 
_entity_poly_seq.mon_id 
_entity_poly_seq.hetero 
1 1  CYS n 
1 2  GLY n 
1 3  GLY n 
1 4  ARG n 
1 5  GLU n 
1 6  GLY n 
1 7  VAL n 
1 8  LEU n 
1 9  LYS n 
1 10 LYS n 
1 11 LEU n 
1 12 ARG n 
1 13 ALA n 
1 14 VAL n 
1 15 GLU n 
1 16 ASN n 
1 17 GLU n 
1 18 LEU n 
1 19 HIS n 
1 20 TYR n 
1 21 ASN n 
1 22 LYS n 
1 23 SER n 
1 24 LEU n 
1 25 LEU n 
1 26 GLU n 
1 27 GLU n 
1 28 VAL n 
1 29 LYS n 
1 30 ASP n 
1 31 GLU n 
1 32 LEU n 
1 33 GLN n 
1 34 LYS n 
1 35 MET n 
1 36 ARG n 
1 37 GLN n 
1 38 LEU n 
# 
_pdbx_entity_src_syn.entity_id              1 
_pdbx_entity_src_syn.pdbx_src_id            1 
_pdbx_entity_src_syn.pdbx_alt_source_flag   sample 
_pdbx_entity_src_syn.pdbx_beg_seq_num       ? 
_pdbx_entity_src_syn.pdbx_end_seq_num       ? 
_pdbx_entity_src_syn.organism_scientific    ? 
_pdbx_entity_src_syn.organism_common_name   ? 
_pdbx_entity_src_syn.ncbi_taxonomy_id       ? 
_pdbx_entity_src_syn.details                'THIS PEPTIDE WAS CHEMICALLY SYNTHESIZED' 
# 
loop_
_chem_comp.id 
_chem_comp.type 
_chem_comp.mon_nstd_flag 
_chem_comp.name 
_chem_comp.pdbx_synonyms 
_chem_comp.formula 
_chem_comp.formula_weight 
ALA 'L-peptide linking' y ALANINE         ? 'C3 H7 N O2'     89.093  
ARG 'L-peptide linking' y ARGININE        ? 'C6 H15 N4 O2 1' 175.209 
ASN 'L-peptide linking' y ASPARAGINE      ? 'C4 H8 N2 O3'    132.118 
ASP 'L-peptide linking' y 'ASPARTIC ACID' ? 'C4 H7 N O4'     133.103 
CYS 'L-peptide linking' y CYSTEINE        ? 'C3 H7 N O2 S'   121.158 
GLN 'L-peptide linking' y GLUTAMINE       ? 'C5 H10 N2 O3'   146.144 
GLU 'L-peptide linking' y 'GLUTAMIC ACID' ? 'C5 H9 N O4'     147.129 
GLY 'peptide linking'   y GLYCINE         ? 'C2 H5 N O2'     75.067  
HIS 'L-peptide linking' y HISTIDINE       ? 'C6 H10 N3 O2 1' 156.162 
HOH non-polymer         . WATER           ? 'H2 O'           18.015  
LEU 'L-peptide linking' y LEUCINE         ? 'C6 H13 N O2'    131.173 
LYS 'L-peptide linking' y LYSINE          ? 'C6 H15 N2 O2 1' 147.195 
MET 'L-peptide linking' y METHIONINE      ? 'C5 H11 N O2 S'  149.211 
SER 'L-peptide linking' y SERINE          ? 'C3 H7 N O3'     105.093 
TYR 'L-peptide linking' y TYROSINE        ? 'C9 H11 N O3'    181.189 
VAL 'L-peptide linking' y VALINE          ? 'C5 H11 N O2'    117.146 
# 
loop_
_pdbx_poly_seq_scheme.asym_id 
_pdbx_poly_seq_scheme.entity_id 
_pdbx_poly_seq_scheme.seq_id 
_pdbx_poly_seq_scheme.mon_id 
_pdbx_poly_seq_scheme.ndb_seq_num 
_pdbx_poly_seq_scheme.pdb_seq_num 
_pdbx_poly_seq_scheme.auth_seq_num 
_pdbx_poly_seq_scheme.pdb_mon_id 
_pdbx_poly_seq_scheme.auth_mon_id 
_pdbx_poly_seq_scheme.pdb_strand_id 
_pdbx_poly_seq_scheme.pdb_ins_code 
_pdbx_poly_seq_scheme.hetero 
A 1 1  CYS 1  1  ?  ?   ?   A . n 
A 1 2  GLY 2  2  2  GLY GLY A . n 
A 1 3  GLY 3  3  3  GLY GLY A . n 
A 1 4  ARG 4  4  4  ARG ARG A . n 
A 1 5  GLU 5  5  5  GLU GLU A . n 
A 1 6  GLY 6  6  6  GLY GLY A . n 
A 1 7  VAL 7  7  7  VAL VAL A . n 
A 1 8  LEU 8  8  8  LEU LEU A . n 
A 1 9  LYS 9  9  9  LYS LYS A . n 
A 1 10 LYS 10 10 10 LYS LYS A . n 
A 1 11 LEU 11 11 11 LEU LEU A . n 
A 1 12 ARG 12 12 12 ARG ARG A . n 
A 1 13 ALA 13 13 13 ALA ALA A . n 
A 1 14 VAL 14 14 14 VAL VAL A . n 
A 1 15 GLU 15 15 15 GLU GLU A . n 
A 1 16 ASN 16 16 16 ASN ASN A . n 
A 1 17 GLU 17 17 17 GLU GLU A . n 
A 1 18 LEU 18 18 18 LEU LEU A . n 
A 1 19 HIS 19 19 19 HIS HIS A . n 
A 1 20 TYR 20 20 20 TYR TYR A . n 
A 1 21 ASN 21 21 21 ASN ASN A . n 
A 1 22 LYS 22 22 22 LYS LYS A . n 
A 1 23 SER 23 23 23 SER SER A . n 
A 1 24 LEU 24 24 24 LEU LEU A . n 
A 1 25 LEU 25 25 25 LEU LEU A . n 
A 1 26 GLU 26 26 26 GLU GLU A . n 
A 1 27 GLU 27 27 27 GLU GLU A . n 
A 1 28 VAL 28 28 28 VAL VAL A . n 
A 1 29 LYS 29 29 29 LYS LYS A . n 
A 1 30 ASP 30 30 30 ASP ASP A . n 
A 1 31 GLU 31 31 31 GLU GLU A . n 
A 1 32 LEU 32 32 32 LEU LEU A . n 
A 1 33 GLN 33 33 33 GLN GLN A . n 
A 1 34 LYS 34 34 34 LYS LYS A . n 
A 1 35 MET 35 35 35 MET MET A . n 
A 1 36 ARG 36 36 36 ARG ARG A . n 
A 1 37 GLN 37 37 37 GLN GLN A . n 
A 1 38 LEU 38 38 38 LEU LEU A . n 
B 1 1  CYS 1  1  ?  ?   ?   B . n 
B 1 2  GLY 2  2  2  GLY GLY B . n 
B 1 3  GLY 3  3  3  GLY GLY B . n 
B 1 4  ARG 4  4  4  ARG ARG B . n 
B 1 5  GLU 5  5  5  GLU GLU B . n 
B 1 6  GLY 6  6  6  GLY GLY B . n 
B 1 7  VAL 7  7  7  VAL VAL B . n 
B 1 8  LEU 8  8  8  LEU LEU B . n 
B 1 9  LYS 9  9  9  LYS LYS B . n 
B 1 10 LYS 10 10 10 LYS LYS B . n 
B 1 11 LEU 11 11 11 LEU LEU B . n 
B 1 12 ARG 12 12 12 ARG ARG B . n 
B 1 13 ALA 13 13 13 ALA ALA B . n 
B 1 14 VAL 14 14 14 VAL VAL B . n 
B 1 15 GLU 15 15 15 GLU GLU B . n 
B 1 16 ASN 16 16 16 ASN ASN B . n 
B 1 17 GLU 17 17 17 GLU GLU B . n 
B 1 18 LEU 18 18 18 LEU LEU B . n 
B 1 19 HIS 19 19 19 HIS HIS B . n 
B 1 20 TYR 20 20 20 TYR TYR B . n 
B 1 21 ASN 21 21 21 ASN ASN B . n 
B 1 22 LYS 22 22 22 LYS LYS B . n 
B 1 23 SER 23 23 23 SER SER B . n 
B 1 24 LEU 24 24 24 LEU LEU B . n 
B 1 25 LEU 25 25 25 LEU LEU B . n 
B 1 26 GLU 26 26 26 GLU GLU B . n 
B 1 27 GLU 27 27 27 GLU GLU B . n 
B 1 28 VAL 28 28 28 VAL VAL B . n 
B 1 29 LYS 29 29 29 LYS LYS B . n 
B 1 30 ASP 30 30 30 ASP ASP B . n 
B 1 31 GLU 31 31 31 GLU GLU B . n 
B 1 32 LEU 32 32 32 LEU LEU B . n 
B 1 33 GLN 33 33 33 GLN GLN B . n 
B 1 34 LYS 34 34 34 LYS LYS B . n 
B 1 35 MET 35 35 35 MET MET B . n 
B 1 36 ARG 36 36 36 ARG ARG B . n 
B 1 37 GLN 37 37 37 GLN GLN B . n 
B 1 38 LEU 38 38 38 LEU LEU B . n 
# 
loop_
_pdbx_nonpoly_scheme.asym_id 
_pdbx_nonpoly_scheme.entity_id 
_pdbx_nonpoly_scheme.mon_id 
_pdbx_nonpoly_scheme.ndb_seq_num 
_pdbx_nonpoly_scheme.pdb_seq_num 
_pdbx_nonpoly_scheme.auth_seq_num 
_pdbx_nonpoly_scheme.pdb_mon_id 
_pdbx_nonpoly_scheme.auth_mon_id 
_pdbx_nonpoly_scheme.pdb_strand_id 
_pdbx_nonpoly_scheme.pdb_ins_code 
C 2 HOH 1  39 -99999 HOH HOH A . 
C 2 HOH 2  40 -99999 HOH HOH A . 
C 2 HOH 3  41 -99999 HOH HOH A . 
C 2 HOH 4  42 -99999 HOH HOH A . 
C 2 HOH 5  43 -99999 HOH HOH A . 
C 2 HOH 6  44 -99999 HOH HOH A . 
C 2 HOH 7  45 -99999 HOH HOH A . 
C 2 HOH 8  46 -99999 HOH HOH A . 
C 2 HOH 9  47 -99999 HOH HOH A . 
C 2 HOH 10 48 -99999 HOH HOH A . 
C 2 HOH 11 49 -99999 HOH HOH A . 
C 2 HOH 12 50 -99999 HOH HOH A . 
C 2 HOH 13 51 -99999 HOH HOH A . 
C 2 HOH 14 52 -99999 HOH HOH A . 
C 2 HOH 15 53 -99999 HOH HOH A . 
C 2 HOH 16 54 -99999 HOH HOH A . 
C 2 HOH 17 55 -99999 HOH HOH A . 
C 2 HOH 18 56 -99999 HOH HOH A . 
C 2 HOH 19 57 -99999 HOH HOH A . 
C 2 HOH 20 58 -99999 HOH HOH A . 
C 2 HOH 21 59 -99999 HOH HOH A . 
C 2 HOH 22 60 -99999 HOH HOH A . 
C 2 HOH 23 61 -99999 HOH HOH A . 
C 2 HOH 24 62 -99999 HOH HOH A . 
C 2 HOH 25 63 -99999 HOH HOH A . 
C 2 HOH 26 64 -99999 HOH HOH A . 
D 2 HOH 1  39 -99999 HOH HOH B . 
D 2 HOH 2  40 -99999 HOH HOH B . 
D 2 HOH 3  41 -99999 HOH HOH B . 
D 2 HOH 4  42 -99999 HOH HOH B . 
D 2 HOH 5  43 -99999 HOH HOH B . 
D 2 HOH 6  44 -99999 HOH HOH B . 
D 2 HOH 7  45 -99999 HOH HOH B . 
D 2 HOH 8  46 -99999 HOH HOH B . 
D 2 HOH 9  47 -99999 HOH HOH B . 
D 2 HOH 10 48 -99999 HOH HOH B . 
D 2 HOH 11 49 -99999 HOH HOH B . 
D 2 HOH 12 50 -99999 HOH HOH B . 
D 2 HOH 13 51 -99999 HOH HOH B . 
D 2 HOH 14 52 -99999 HOH HOH B . 
D 2 HOH 15 53 -99999 HOH HOH B . 
D 2 HOH 16 54 -99999 HOH HOH B . 
D 2 HOH 17 55 -99999 HOH HOH B . 
D 2 HOH 18 56 -99999 HOH HOH B . 
D 2 HOH 19 57 -99999 HOH HOH B . 
D 2 HOH 20 58 -99999 HOH HOH B . 
D 2 HOH 21 59 -99999 HOH HOH B . 
D 2 HOH 22 60 -99999 HOH HOH B . 
D 2 HOH 23 61 -99999 HOH HOH B . 
D 2 HOH 24 62 -99999 HOH HOH B . 
D 2 HOH 25 63 -99999 HOH HOH B . 
D 2 HOH 26 64 -99999 HOH HOH B . 
D 2 HOH 27 65 -99999 HOH HOH B . 
D 2 HOH 28 66 -99999 HOH HOH B . 
D 2 HOH 29 67 -99999 HOH HOH B . 
D 2 HOH 30 68 -99999 HOH HOH B . 
D 2 HOH 31 69 -99999 HOH HOH B . 
D 2 HOH 32 70 -99999 HOH HOH B . 
D 2 HOH 33 71 -99999 HOH HOH B . 
# 
loop_
_software.name 
_software.classification 
_software.version 
_software.citation_id 
_software.pdbx_ordinal 
X-PLOR refinement        . ? 1 
CNS    refinement        . ? 2 
AMoRE  phasing           . ? 3 
REFMAC refinement        . ? 4 
MAR345 'data collection' . ? 5 
XDS    'data scaling'    . ? 6 
# 
_cell.entry_id           1C94 
_cell.length_a           34.110 
_cell.length_b           34.090 
_cell.length_c           56.440 
_cell.angle_alpha        90.00 
_cell.angle_beta         90.00 
_cell.angle_gamma        90.00 
_cell.Z_PDB              8 
_cell.pdbx_unique_axis   ? 
# 
_symmetry.entry_id                         1C94 
_symmetry.space_group_name_H-M             'P 21 21 2' 
_symmetry.pdbx_full_space_group_name_H-M   ? 
_symmetry.cell_setting                     ? 
_symmetry.Int_Tables_number                18 
# 
_exptl.entry_id          1C94 
_exptl.method            'X-RAY DIFFRACTION' 
_exptl.crystals_number   1 
# 
_exptl_crystal.id                    1 
_exptl_crystal.density_meas          ? 
_exptl_crystal.density_Matthews      1.84 
_exptl_crystal.density_percent_sol   33.07 
_exptl_crystal.description           ? 
# 
_exptl_crystal_grow.crystal_id      1 
_exptl_crystal_grow.method          'VAPOR DIFFUSION, HANGING DROP' 
_exptl_crystal_grow.temp            295 
_exptl_crystal_grow.temp_details    ? 
_exptl_crystal_grow.pH              4.8 
_exptl_crystal_grow.pdbx_details    
;25% 2-METHYL-2,4-PENTANEDIOL, 100 MM SODIUM ACETATE, 200 MM SODIUM CHLORIDE., pH 4.8, VAPOR DIFFUSION, HANGING DROP, temperature 295K
;
_exptl_crystal_grow.pdbx_pH_range   ? 
# 
loop_
_diffrn.id 
_diffrn.ambient_temp 
_diffrn.ambient_temp_details 
_diffrn.crystal_id 
1 103 ? 1 
2 ?   ? 1 
# 
loop_
_diffrn_detector.diffrn_id 
_diffrn_detector.detector 
_diffrn_detector.type 
_diffrn_detector.pdbx_collection_date 
_diffrn_detector.details 
1 'AREA DETECTOR' MARRESEARCH 1999-04-28 ? 
2 ?               ?           ?          ? 
# 
_diffrn_radiation.diffrn_id                        1 
_diffrn_radiation.wavelength_id                    1 
_diffrn_radiation.pdbx_monochromatic_or_laue_m_l   M 
_diffrn_radiation.monochromator                    ? 
_diffrn_radiation.pdbx_diffrn_protocol             'SINGLE WAVELENGTH' 
_diffrn_radiation.pdbx_scattering_type             x-ray 
# 
_diffrn_radiation_wavelength.id           1 
_diffrn_radiation_wavelength.wavelength   0.873 
_diffrn_radiation_wavelength.wt           1.0 
# 
loop_
_diffrn_source.diffrn_id 
_diffrn_source.source 
_diffrn_source.type 
_diffrn_source.pdbx_synchrotron_site 
_diffrn_source.pdbx_synchrotron_beamline 
_diffrn_source.pdbx_wavelength 
_diffrn_source.pdbx_wavelength_list 
1 SYNCHROTRON 'ESRF BEAMLINE BM1A' ESRF BM1A 0.873 ? 
2 ?           ?                    ?    ?    ?     ? 
# 
_reflns.entry_id                     1C94 
_reflns.observed_criterion_sigma_I   ? 
_reflns.observed_criterion_sigma_F   ? 
_reflns.d_resolution_low             20 
_reflns.d_resolution_high            2.08 
_reflns.number_obs                   3740 
_reflns.number_all                   4280 
_reflns.percent_possible_obs         87.4 
_reflns.pdbx_Rmerge_I_obs            0.0350000 
_reflns.pdbx_Rsym_value              ? 
_reflns.pdbx_netI_over_sigmaI        ? 
_reflns.B_iso_Wilson_estimate        ? 
_reflns.pdbx_redundancy              2.8 
_reflns.R_free_details               ? 
_reflns.limit_h_max                  ? 
_reflns.limit_h_min                  ? 
_reflns.limit_k_max                  ? 
_reflns.limit_k_min                  ? 
_reflns.limit_l_max                  ? 
_reflns.limit_l_min                  ? 
_reflns.observed_criterion_F_max     ? 
_reflns.observed_criterion_F_min     ? 
_reflns.pdbx_diffrn_id               1 
_reflns.pdbx_ordinal                 1 
# 
_reflns_shell.d_res_high             2.0 
_reflns_shell.d_res_low              2.1 
_reflns_shell.percent_possible_all   80.7 
_reflns_shell.Rmerge_I_obs           0.1100000 
_reflns_shell.pdbx_Rsym_value        ? 
_reflns_shell.meanI_over_sigI_obs    ? 
_reflns_shell.pdbx_redundancy        ? 
_reflns_shell.percent_possible_obs   ? 
_reflns_shell.number_unique_all      ? 
_reflns_shell.pdbx_diffrn_id         ? 
_reflns_shell.pdbx_ordinal           1 
# 
_refine.entry_id                                 1C94 
_refine.ls_number_reflns_obs                     3740 
_refine.ls_number_reflns_all                     4280 
_refine.pdbx_ls_sigma_I                          0.0 
_refine.pdbx_ls_sigma_F                          0.0 
_refine.pdbx_data_cutoff_high_absF               ? 
_refine.pdbx_data_cutoff_low_absF                ? 
_refine.pdbx_data_cutoff_high_rms_absF           ? 
_refine.ls_d_res_low                             20 
_refine.ls_d_res_high                            2.08 
_refine.ls_percent_reflns_obs                    87.2 
_refine.ls_R_factor_obs                          0.1803000 
_refine.ls_R_factor_all                          ? 
_refine.ls_R_factor_R_work                       0.1803000 
_refine.ls_R_factor_R_free                       0.2805000 
_refine.ls_R_factor_R_free_error                 ? 
_refine.ls_R_factor_R_free_error_details         ? 
_refine.ls_percent_reflns_R_free                 ? 
_refine.ls_number_reflns_R_free                  293 
_refine.ls_number_parameters                     ? 
_refine.ls_number_restraints                     ? 
_refine.occupancy_min                            ? 
_refine.occupancy_max                            ? 
_refine.B_iso_mean                               ? 
_refine.aniso_B[1][1]                            ? 
_refine.aniso_B[2][2]                            ? 
_refine.aniso_B[3][3]                            ? 
_refine.aniso_B[1][2]                            ? 
_refine.aniso_B[1][3]                            ? 
_refine.aniso_B[2][3]                            ? 
_refine.solvent_model_details                    ? 
_refine.solvent_model_param_ksol                 ? 
_refine.solvent_model_param_bsol                 ? 
_refine.pdbx_ls_cross_valid_method               ? 
_refine.details                                  'PHASE SOLUTION FOUND THROUGH MOLECULAR REPLACEMENT.' 
_refine.pdbx_starting_model                      ? 
_refine.pdbx_method_to_determine_struct          ? 
_refine.pdbx_isotropic_thermal_model             ? 
_refine.pdbx_stereochemistry_target_values       'CNS-TOPPAR PROTEIN_REP.PARAM CNS-TOPPAR WATER_REP.PARAM' 
_refine.pdbx_stereochem_target_val_spec_case     ? 
_refine.pdbx_R_Free_selection_details            RANDOM 
_refine.pdbx_overall_ESU_R                       ? 
_refine.pdbx_overall_ESU_R_Free                  ? 
_refine.overall_SU_ML                            ? 
_refine.overall_SU_B                             ? 
_refine.ls_redundancy_reflns_obs                 ? 
_refine.B_iso_min                                ? 
_refine.B_iso_max                                ? 
_refine.pdbx_refine_id                           'X-RAY DIFFRACTION' 
_refine.pdbx_diffrn_id                           1 
_refine.pdbx_TLS_residual_ADP_flag               ? 
_refine.correlation_coeff_Fo_to_Fc               ? 
_refine.correlation_coeff_Fo_to_Fc_free          ? 
_refine.pdbx_solvent_vdw_probe_radii             ? 
_refine.pdbx_solvent_ion_probe_radii             ? 
_refine.pdbx_solvent_shrinkage_radii             ? 
_refine.pdbx_overall_phase_error                 ? 
_refine.overall_SU_R_Cruickshank_DPI             ? 
_refine.pdbx_overall_SU_R_free_Cruickshank_DPI   ? 
_refine.pdbx_overall_SU_R_Blow_DPI               ? 
_refine.pdbx_overall_SU_R_free_Blow_DPI          ? 
# 
_refine_hist.pdbx_refine_id                   'X-RAY DIFFRACTION' 
_refine_hist.cycle_id                         LAST 
_refine_hist.pdbx_number_atoms_protein        610 
_refine_hist.pdbx_number_atoms_nucleic_acid   0 
_refine_hist.pdbx_number_atoms_ligand         0 
_refine_hist.number_atoms_solvent             59 
_refine_hist.number_atoms_total               669 
_refine_hist.d_res_high                       2.08 
_refine_hist.d_res_low                        20 
# 
loop_
_refine_ls_restr.type 
_refine_ls_restr.dev_ideal 
_refine_ls_restr.dev_ideal_target 
_refine_ls_restr.weight 
_refine_ls_restr.number 
_refine_ls_restr.pdbx_refine_id 
_refine_ls_restr.pdbx_restraint_function 
x_bond_d                0.0341 ? ? ? 'X-RAY DIFFRACTION' ? 
x_bond_d_na             ?      ? ? ? 'X-RAY DIFFRACTION' ? 
x_bond_d_prot           ?      ? ? ? 'X-RAY DIFFRACTION' ? 
x_angle_d               ?      ? ? ? 'X-RAY DIFFRACTION' ? 
x_angle_d_na            ?      ? ? ? 'X-RAY DIFFRACTION' ? 
x_angle_d_prot          ?      ? ? ? 'X-RAY DIFFRACTION' ? 
x_angle_deg             3.1023 ? ? ? 'X-RAY DIFFRACTION' ? 
x_angle_deg_na          ?      ? ? ? 'X-RAY DIFFRACTION' ? 
x_angle_deg_prot        ?      ? ? ? 'X-RAY DIFFRACTION' ? 
x_dihedral_angle_d      ?      ? ? ? 'X-RAY DIFFRACTION' ? 
x_dihedral_angle_d_na   ?      ? ? ? 'X-RAY DIFFRACTION' ? 
x_dihedral_angle_d_prot ?      ? ? ? 'X-RAY DIFFRACTION' ? 
x_improper_angle_d      ?      ? ? ? 'X-RAY DIFFRACTION' ? 
x_improper_angle_d_na   ?      ? ? ? 'X-RAY DIFFRACTION' ? 
x_improper_angle_d_prot ?      ? ? ? 'X-RAY DIFFRACTION' ? 
x_mcbond_it             ?      ? ? ? 'X-RAY DIFFRACTION' ? 
x_mcangle_it            ?      ? ? ? 'X-RAY DIFFRACTION' ? 
x_scbond_it             ?      ? ? ? 'X-RAY DIFFRACTION' ? 
x_scangle_it            ?      ? ? ? 'X-RAY DIFFRACTION' ? 
# 
_struct.entry_id                  1C94 
_struct.title                     'REVERSING THE SEQUENCE OF THE GCN4 LEUCINE ZIPPER DOES NOT AFFECT ITS FOLD.' 
_struct.pdbx_model_details        ? 
_struct.pdbx_CASP_flag            ? 
_struct.pdbx_model_type_details   ? 
# 
_struct_keywords.entry_id        1C94 
_struct_keywords.pdbx_keywords   'GENE REGULATION' 
_struct_keywords.text            'RETRO-COILED COIL, 4-ALPHA-HELIX-BUNDLE, PEPTIDE SYNTHESIS, GENE REGULATION' 
# 
loop_
_struct_asym.id 
_struct_asym.pdbx_blank_PDB_chainid_flag 
_struct_asym.pdbx_modified 
_struct_asym.entity_id 
_struct_asym.details 
A N N 1 ? 
B N N 1 ? 
C N N 2 ? 
D N N 2 ? 
# 
_struct_ref.id                         1 
_struct_ref.entity_id                  1 
_struct_ref.db_name                    PDB 
_struct_ref.db_code                    1C94 
_struct_ref.pdbx_db_accession          1C94 
_struct_ref.pdbx_db_isoform            ? 
_struct_ref.pdbx_seq_one_letter_code   ? 
_struct_ref.pdbx_align_begin           ? 
# 
loop_
_struct_ref_seq.align_id 
_struct_ref_seq.ref_id 
_struct_ref_seq.pdbx_PDB_id_code 
_struct_ref_seq.pdbx_strand_id 
_struct_ref_seq.seq_align_beg 
_struct_ref_seq.pdbx_seq_align_beg_ins_code 
_struct_ref_seq.seq_align_end 
_struct_ref_seq.pdbx_seq_align_end_ins_code 
_struct_ref_seq.pdbx_db_accession 
_struct_ref_seq.db_align_beg 
_struct_ref_seq.pdbx_db_align_beg_ins_code 
_struct_ref_seq.db_align_end 
_struct_ref_seq.pdbx_db_align_end_ins_code 
_struct_ref_seq.pdbx_auth_seq_align_beg 
_struct_ref_seq.pdbx_auth_seq_align_end 
1 1 1C94 A 1 ? 38 ? 1C94 1 ? 38 ? 1 38 
2 1 1C94 B 1 ? 38 ? 1C94 1 ? 38 ? 1 38 
# 
loop_
_pdbx_struct_assembly.id 
_pdbx_struct_assembly.details 
_pdbx_struct_assembly.method_details 
_pdbx_struct_assembly.oligomeric_details 
_pdbx_struct_assembly.oligomeric_count 
1 author_and_software_defined_assembly PISA dimeric    2 
2 software_defined_assembly            PISA tetrameric 4 
# 
loop_
_pdbx_struct_assembly_prop.biol_id 
_pdbx_struct_assembly_prop.type 
_pdbx_struct_assembly_prop.value 
_pdbx_struct_assembly_prop.details 
1 'ABSA (A^2)' 1580 ? 
1 MORE         -14  ? 
1 'SSA (A^2)'  6320 ? 
2 'ABSA (A^2)' 6720 ? 
2 MORE         -58  ? 
2 'SSA (A^2)'  9090 ? 
# 
loop_
_pdbx_struct_assembly_gen.assembly_id 
_pdbx_struct_assembly_gen.oper_expression 
_pdbx_struct_assembly_gen.asym_id_list 
1 1   A,B,C,D 
2 1,2 A,B,C,D 
# 
loop_
_pdbx_struct_oper_list.id 
_pdbx_struct_oper_list.type 
_pdbx_struct_oper_list.name 
_pdbx_struct_oper_list.symmetry_operation 
_pdbx_struct_oper_list.matrix[1][1] 
_pdbx_struct_oper_list.matrix[1][2] 
_pdbx_struct_oper_list.matrix[1][3] 
_pdbx_struct_oper_list.vector[1] 
_pdbx_struct_oper_list.matrix[2][1] 
_pdbx_struct_oper_list.matrix[2][2] 
_pdbx_struct_oper_list.matrix[2][3] 
_pdbx_struct_oper_list.vector[2] 
_pdbx_struct_oper_list.matrix[3][1] 
_pdbx_struct_oper_list.matrix[3][2] 
_pdbx_struct_oper_list.matrix[3][3] 
_pdbx_struct_oper_list.vector[3] 
1 'identity operation'         1_555 x,y,z     1.0000000000  0.0000000000  0.0000000000 0.0000000000 0.0000000000  1.0000000000 0.0000000000  0.0000000000  0.0000000000 0.0000000000  1.0000000000  0.0000000000  
2 'crystal symmetry operation' 2_655 -x+1,-y,z -0.9246535767 -0.3702733915 0.0889571737 4.8419577840 -0.3702733915 0.8196269755 -0.4371604243 -0.8411736911 0.0889571737 -0.4371604243 -0.8949733989 -7.6024047115 
# 
_struct_biol.id   1 
# 
loop_
_struct_conf.conf_type_id 
_struct_conf.id 
_struct_conf.pdbx_PDB_helix_id 
_struct_conf.beg_label_comp_id 
_struct_conf.beg_label_asym_id 
_struct_conf.beg_label_seq_id 
_struct_conf.pdbx_beg_PDB_ins_code 
_struct_conf.end_label_comp_id 
_struct_conf.end_label_asym_id 
_struct_conf.end_label_seq_id 
_struct_conf.pdbx_end_PDB_ins_code 
_struct_conf.beg_auth_comp_id 
_struct_conf.beg_auth_asym_id 
_struct_conf.beg_auth_seq_id 
_struct_conf.end_auth_comp_id 
_struct_conf.end_auth_asym_id 
_struct_conf.end_auth_seq_id 
_struct_conf.pdbx_PDB_helix_class 
_struct_conf.details 
_struct_conf.pdbx_PDB_helix_length 
HELX_P HELX_P1 1 GLU A 5 ? GLN A 33 ? GLU A 5 GLN A 33 1 ? 29 
HELX_P HELX_P2 2 GLU B 5 ? GLN B 33 ? GLU B 5 GLN B 33 1 ? 29 
# 
_struct_conf_type.id          HELX_P 
_struct_conf_type.criteria    ? 
_struct_conf_type.reference   ? 
# 
loop_
_pdbx_validate_close_contact.id 
_pdbx_validate_close_contact.PDB_model_num 
_pdbx_validate_close_contact.auth_atom_id_1 
_pdbx_validate_close_contact.auth_asym_id_1 
_pdbx_validate_close_contact.auth_comp_id_1 
_pdbx_validate_close_contact.auth_seq_id_1 
_pdbx_validate_close_contact.PDB_ins_code_1 
_pdbx_validate_close_contact.label_alt_id_1 
_pdbx_validate_close_contact.auth_atom_id_2 
_pdbx_validate_close_contact.auth_asym_id_2 
_pdbx_validate_close_contact.auth_comp_id_2 
_pdbx_validate_close_contact.auth_seq_id_2 
_pdbx_validate_close_contact.PDB_ins_code_2 
_pdbx_validate_close_contact.label_alt_id_2 
_pdbx_validate_close_contact.dist 
1 1 O   B HOH 57 ? ? O B HOH 69 ? ? 2.04 
2 1 OD1 A ASP 30 ? ? O A HOH 60 ? ? 2.14 
# 
loop_
_pdbx_validate_symm_contact.id 
_pdbx_validate_symm_contact.PDB_model_num 
_pdbx_validate_symm_contact.auth_atom_id_1 
_pdbx_validate_symm_contact.auth_asym_id_1 
_pdbx_validate_symm_contact.auth_comp_id_1 
_pdbx_validate_symm_contact.auth_seq_id_1 
_pdbx_validate_symm_contact.PDB_ins_code_1 
_pdbx_validate_symm_contact.label_alt_id_1 
_pdbx_validate_symm_contact.site_symmetry_1 
_pdbx_validate_symm_contact.auth_atom_id_2 
_pdbx_validate_symm_contact.auth_asym_id_2 
_pdbx_validate_symm_contact.auth_comp_id_2 
_pdbx_validate_symm_contact.auth_seq_id_2 
_pdbx_validate_symm_contact.PDB_ins_code_2 
_pdbx_validate_symm_contact.label_alt_id_2 
_pdbx_validate_symm_contact.site_symmetry_2 
_pdbx_validate_symm_contact.dist 
1 1 O B HOH 39 ? ? 1_555 O B HOH 43 ? ? 3_545 2.15 
2 1 O A HOH 51 ? ? 1_555 O B HOH 69 ? ? 4_555 2.17 
# 
loop_
_pdbx_validate_rmsd_bond.id 
_pdbx_validate_rmsd_bond.PDB_model_num 
_pdbx_validate_rmsd_bond.auth_atom_id_1 
_pdbx_validate_rmsd_bond.auth_asym_id_1 
_pdbx_validate_rmsd_bond.auth_comp_id_1 
_pdbx_validate_rmsd_bond.auth_seq_id_1 
_pdbx_validate_rmsd_bond.PDB_ins_code_1 
_pdbx_validate_rmsd_bond.label_alt_id_1 
_pdbx_validate_rmsd_bond.auth_atom_id_2 
_pdbx_validate_rmsd_bond.auth_asym_id_2 
_pdbx_validate_rmsd_bond.auth_comp_id_2 
_pdbx_validate_rmsd_bond.auth_seq_id_2 
_pdbx_validate_rmsd_bond.PDB_ins_code_2 
_pdbx_validate_rmsd_bond.label_alt_id_2 
_pdbx_validate_rmsd_bond.bond_value 
_pdbx_validate_rmsd_bond.bond_target_value 
_pdbx_validate_rmsd_bond.bond_deviation 
_pdbx_validate_rmsd_bond.bond_standard_deviation 
_pdbx_validate_rmsd_bond.linker_flag 
1 1 CD A GLU 17 ? ? OE1 A GLU 17 ? ? 1.357 1.252 0.105 0.011 N 
2 1 CD B GLU 17 ? ? OE1 B GLU 17 ? ? 1.322 1.252 0.070 0.011 N 
# 
loop_
_pdbx_validate_rmsd_angle.id 
_pdbx_validate_rmsd_angle.PDB_model_num 
_pdbx_validate_rmsd_angle.auth_atom_id_1 
_pdbx_validate_rmsd_angle.auth_asym_id_1 
_pdbx_validate_rmsd_angle.auth_comp_id_1 
_pdbx_validate_rmsd_angle.auth_seq_id_1 
_pdbx_validate_rmsd_angle.PDB_ins_code_1 
_pdbx_validate_rmsd_angle.label_alt_id_1 
_pdbx_validate_rmsd_angle.auth_atom_id_2 
_pdbx_validate_rmsd_angle.auth_asym_id_2 
_pdbx_validate_rmsd_angle.auth_comp_id_2 
_pdbx_validate_rmsd_angle.auth_seq_id_2 
_pdbx_validate_rmsd_angle.PDB_ins_code_2 
_pdbx_validate_rmsd_angle.label_alt_id_2 
_pdbx_validate_rmsd_angle.auth_atom_id_3 
_pdbx_validate_rmsd_angle.auth_asym_id_3 
_pdbx_validate_rmsd_angle.auth_comp_id_3 
_pdbx_validate_rmsd_angle.auth_seq_id_3 
_pdbx_validate_rmsd_angle.PDB_ins_code_3 
_pdbx_validate_rmsd_angle.label_alt_id_3 
_pdbx_validate_rmsd_angle.angle_value 
_pdbx_validate_rmsd_angle.angle_target_value 
_pdbx_validate_rmsd_angle.angle_deviation 
_pdbx_validate_rmsd_angle.angle_standard_deviation 
_pdbx_validate_rmsd_angle.linker_flag 
1 1 N  A GLY 6  ? ? CA A GLY 6  ? ? C   A GLY 6  ? ? 97.69  113.10 -15.41 2.50 N 
2 1 NE A ARG 12 ? ? CZ A ARG 12 ? ? NH1 A ARG 12 ? ? 123.59 120.30 3.29   0.50 N 
3 1 CA A LEU 18 ? ? CB A LEU 18 ? ? CG  A LEU 18 ? ? 130.97 115.30 15.67  2.30 N 
4 1 CB A LEU 25 ? ? CG A LEU 25 ? ? CD2 A LEU 25 ? ? 98.26  111.00 -12.74 1.70 N 
5 1 CB B LEU 11 ? ? CG B LEU 11 ? ? CD1 B LEU 11 ? ? 99.89  111.00 -11.11 1.70 N 
6 1 CA B LEU 18 ? ? CB B LEU 18 ? ? CG  B LEU 18 ? ? 133.22 115.30 17.92  2.30 N 
7 1 CB B LEU 25 ? ? CG B LEU 25 ? ? CD2 B LEU 25 ? ? 98.49  111.00 -12.51 1.70 N 
8 1 CA B LEU 38 ? ? CB B LEU 38 ? ? CG  B LEU 38 ? ? 129.87 115.30 14.57  2.30 N 
# 
loop_
_pdbx_validate_torsion.id 
_pdbx_validate_torsion.PDB_model_num 
_pdbx_validate_torsion.auth_comp_id 
_pdbx_validate_torsion.auth_asym_id 
_pdbx_validate_torsion.auth_seq_id 
_pdbx_validate_torsion.PDB_ins_code 
_pdbx_validate_torsion.label_alt_id 
_pdbx_validate_torsion.phi 
_pdbx_validate_torsion.psi 
1 1 LYS A 34 ? ? -93.15  -68.99  
2 1 MET A 35 ? ? -68.13  40.44   
3 1 GLN A 37 ? ? -17.00  -66.91  
4 1 ARG B 4  ? ? -121.02 -158.95 
5 1 LYS B 34 ? ? -93.41  -65.09  
6 1 MET B 35 ? ? -71.45  30.82   
7 1 GLN B 37 ? ? -158.50 -51.77  
# 
loop_
_pdbx_unobs_or_zero_occ_residues.id 
_pdbx_unobs_or_zero_occ_residues.PDB_model_num 
_pdbx_unobs_or_zero_occ_residues.polymer_flag 
_pdbx_unobs_or_zero_occ_residues.occupancy_flag 
_pdbx_unobs_or_zero_occ_residues.auth_asym_id 
_pdbx_unobs_or_zero_occ_residues.auth_comp_id 
_pdbx_unobs_or_zero_occ_residues.auth_seq_id 
_pdbx_unobs_or_zero_occ_residues.PDB_ins_code 
_pdbx_unobs_or_zero_occ_residues.label_asym_id 
_pdbx_unobs_or_zero_occ_residues.label_comp_id 
_pdbx_unobs_or_zero_occ_residues.label_seq_id 
1 1 Y 1 A CYS 1 ? A CYS 1 
2 1 Y 1 B CYS 1 ? B CYS 1 
# 
loop_
_chem_comp_atom.comp_id 
_chem_comp_atom.atom_id 
_chem_comp_atom.type_symbol 
_chem_comp_atom.pdbx_aromatic_flag 
_chem_comp_atom.pdbx_stereo_config 
_chem_comp_atom.pdbx_ordinal 
ALA N    N N N 1   
ALA CA   C N S 2   
ALA C    C N N 3   
ALA O    O N N 4   
ALA CB   C N N 5   
ALA OXT  O N N 6   
ALA H    H N N 7   
ALA H2   H N N 8   
ALA HA   H N N 9   
ALA HB1  H N N 10  
ALA HB2  H N N 11  
ALA HB3  H N N 12  
ALA HXT  H N N 13  
ARG N    N N N 14  
ARG CA   C N S 15  
ARG C    C N N 16  
ARG O    O N N 17  
ARG CB   C N N 18  
ARG CG   C N N 19  
ARG CD   C N N 20  
ARG NE   N N N 21  
ARG CZ   C N N 22  
ARG NH1  N N N 23  
ARG NH2  N N N 24  
ARG OXT  O N N 25  
ARG H    H N N 26  
ARG H2   H N N 27  
ARG HA   H N N 28  
ARG HB2  H N N 29  
ARG HB3  H N N 30  
ARG HG2  H N N 31  
ARG HG3  H N N 32  
ARG HD2  H N N 33  
ARG HD3  H N N 34  
ARG HE   H N N 35  
ARG HH11 H N N 36  
ARG HH12 H N N 37  
ARG HH21 H N N 38  
ARG HH22 H N N 39  
ARG HXT  H N N 40  
ASN N    N N N 41  
ASN CA   C N S 42  
ASN C    C N N 43  
ASN O    O N N 44  
ASN CB   C N N 45  
ASN CG   C N N 46  
ASN OD1  O N N 47  
ASN ND2  N N N 48  
ASN OXT  O N N 49  
ASN H    H N N 50  
ASN H2   H N N 51  
ASN HA   H N N 52  
ASN HB2  H N N 53  
ASN HB3  H N N 54  
ASN HD21 H N N 55  
ASN HD22 H N N 56  
ASN HXT  H N N 57  
ASP N    N N N 58  
ASP CA   C N S 59  
ASP C    C N N 60  
ASP O    O N N 61  
ASP CB   C N N 62  
ASP CG   C N N 63  
ASP OD1  O N N 64  
ASP OD2  O N N 65  
ASP OXT  O N N 66  
ASP H    H N N 67  
ASP H2   H N N 68  
ASP HA   H N N 69  
ASP HB2  H N N 70  
ASP HB3  H N N 71  
ASP HD2  H N N 72  
ASP HXT  H N N 73  
CYS N    N N N 74  
CYS CA   C N R 75  
CYS C    C N N 76  
CYS O    O N N 77  
CYS CB   C N N 78  
CYS SG   S N N 79  
CYS OXT  O N N 80  
CYS H    H N N 81  
CYS H2   H N N 82  
CYS HA   H N N 83  
CYS HB2  H N N 84  
CYS HB3  H N N 85  
CYS HG   H N N 86  
CYS HXT  H N N 87  
GLN N    N N N 88  
GLN CA   C N S 89  
GLN C    C N N 90  
GLN O    O N N 91  
GLN CB   C N N 92  
GLN CG   C N N 93  
GLN CD   C N N 94  
GLN OE1  O N N 95  
GLN NE2  N N N 96  
GLN OXT  O N N 97  
GLN H    H N N 98  
GLN H2   H N N 99  
GLN HA   H N N 100 
GLN HB2  H N N 101 
GLN HB3  H N N 102 
GLN HG2  H N N 103 
GLN HG3  H N N 104 
GLN HE21 H N N 105 
GLN HE22 H N N 106 
GLN HXT  H N N 107 
GLU N    N N N 108 
GLU CA   C N S 109 
GLU C    C N N 110 
GLU O    O N N 111 
GLU CB   C N N 112 
GLU CG   C N N 113 
GLU CD   C N N 114 
GLU OE1  O N N 115 
GLU OE2  O N N 116 
GLU OXT  O N N 117 
GLU H    H N N 118 
GLU H2   H N N 119 
GLU HA   H N N 120 
GLU HB2  H N N 121 
GLU HB3  H N N 122 
GLU HG2  H N N 123 
GLU HG3  H N N 124 
GLU HE2  H N N 125 
GLU HXT  H N N 126 
GLY N    N N N 127 
GLY CA   C N N 128 
GLY C    C N N 129 
GLY O    O N N 130 
GLY OXT  O N N 131 
GLY H    H N N 132 
GLY H2   H N N 133 
GLY HA2  H N N 134 
GLY HA3  H N N 135 
GLY HXT  H N N 136 
HIS N    N N N 137 
HIS CA   C N S 138 
HIS C    C N N 139 
HIS O    O N N 140 
HIS CB   C N N 141 
HIS CG   C Y N 142 
HIS ND1  N Y N 143 
HIS CD2  C Y N 144 
HIS CE1  C Y N 145 
HIS NE2  N Y N 146 
HIS OXT  O N N 147 
HIS H    H N N 148 
HIS H2   H N N 149 
HIS HA   H N N 150 
HIS HB2  H N N 151 
HIS HB3  H N N 152 
HIS HD1  H N N 153 
HIS HD2  H N N 154 
HIS HE1  H N N 155 
HIS HE2  H N N 156 
HIS HXT  H N N 157 
HOH O    O N N 158 
HOH H1   H N N 159 
HOH H2   H N N 160 
LEU N    N N N 161 
LEU CA   C N S 162 
LEU C    C N N 163 
LEU O    O N N 164 
LEU CB   C N N 165 
LEU CG   C N N 166 
LEU CD1  C N N 167 
LEU CD2  C N N 168 
LEU OXT  O N N 169 
LEU H    H N N 170 
LEU H2   H N N 171 
LEU HA   H N N 172 
LEU HB2  H N N 173 
LEU HB3  H N N 174 
LEU HG   H N N 175 
LEU HD11 H N N 176 
LEU HD12 H N N 177 
LEU HD13 H N N 178 
LEU HD21 H N N 179 
LEU HD22 H N N 180 
LEU HD23 H N N 181 
LEU HXT  H N N 182 
LYS N    N N N 183 
LYS CA   C N S 184 
LYS C    C N N 185 
LYS O    O N N 186 
LYS CB   C N N 187 
LYS CG   C N N 188 
LYS CD   C N N 189 
LYS CE   C N N 190 
LYS NZ   N N N 191 
LYS OXT  O N N 192 
LYS H    H N N 193 
LYS H2   H N N 194 
LYS HA   H N N 195 
LYS HB2  H N N 196 
LYS HB3  H N N 197 
LYS HG2  H N N 198 
LYS HG3  H N N 199 
LYS HD2  H N N 200 
LYS HD3  H N N 201 
LYS HE2  H N N 202 
LYS HE3  H N N 203 
LYS HZ1  H N N 204 
LYS HZ2  H N N 205 
LYS HZ3  H N N 206 
LYS HXT  H N N 207 
MET N    N N N 208 
MET CA   C N S 209 
MET C    C N N 210 
MET O    O N N 211 
MET CB   C N N 212 
MET CG   C N N 213 
MET SD   S N N 214 
MET CE   C N N 215 
MET OXT  O N N 216 
MET H    H N N 217 
MET H2   H N N 218 
MET HA   H N N 219 
MET HB2  H N N 220 
MET HB3  H N N 221 
MET HG2  H N N 222 
MET HG3  H N N 223 
MET HE1  H N N 224 
MET HE2  H N N 225 
MET HE3  H N N 226 
MET HXT  H N N 227 
SER N    N N N 228 
SER CA   C N S 229 
SER C    C N N 230 
SER O    O N N 231 
SER CB   C N N 232 
SER OG   O N N 233 
SER OXT  O N N 234 
SER H    H N N 235 
SER H2   H N N 236 
SER HA   H N N 237 
SER HB2  H N N 238 
SER HB3  H N N 239 
SER HG   H N N 240 
SER HXT  H N N 241 
TYR N    N N N 242 
TYR CA   C N S 243 
TYR C    C N N 244 
TYR O    O N N 245 
TYR CB   C N N 246 
TYR CG   C Y N 247 
TYR CD1  C Y N 248 
TYR CD2  C Y N 249 
TYR CE1  C Y N 250 
TYR CE2  C Y N 251 
TYR CZ   C Y N 252 
TYR OH   O N N 253 
TYR OXT  O N N 254 
TYR H    H N N 255 
TYR H2   H N N 256 
TYR HA   H N N 257 
TYR HB2  H N N 258 
TYR HB3  H N N 259 
TYR HD1  H N N 260 
TYR HD2  H N N 261 
TYR HE1  H N N 262 
TYR HE2  H N N 263 
TYR HH   H N N 264 
TYR HXT  H N N 265 
VAL N    N N N 266 
VAL CA   C N S 267 
VAL C    C N N 268 
VAL O    O N N 269 
VAL CB   C N N 270 
VAL CG1  C N N 271 
VAL CG2  C N N 272 
VAL OXT  O N N 273 
VAL H    H N N 274 
VAL H2   H N N 275 
VAL HA   H N N 276 
VAL HB   H N N 277 
VAL HG11 H N N 278 
VAL HG12 H N N 279 
VAL HG13 H N N 280 
VAL HG21 H N N 281 
VAL HG22 H N N 282 
VAL HG23 H N N 283 
VAL HXT  H N N 284 
# 
loop_
_chem_comp_bond.comp_id 
_chem_comp_bond.atom_id_1 
_chem_comp_bond.atom_id_2 
_chem_comp_bond.value_order 
_chem_comp_bond.pdbx_aromatic_flag 
_chem_comp_bond.pdbx_stereo_config 
_chem_comp_bond.pdbx_ordinal 
ALA N   CA   sing N N 1   
ALA N   H    sing N N 2   
ALA N   H2   sing N N 3   
ALA CA  C    sing N N 4   
ALA CA  CB   sing N N 5   
ALA CA  HA   sing N N 6   
ALA C   O    doub N N 7   
ALA C   OXT  sing N N 8   
ALA CB  HB1  sing N N 9   
ALA CB  HB2  sing N N 10  
ALA CB  HB3  sing N N 11  
ALA OXT HXT  sing N N 12  
ARG N   CA   sing N N 13  
ARG N   H    sing N N 14  
ARG N   H2   sing N N 15  
ARG CA  C    sing N N 16  
ARG CA  CB   sing N N 17  
ARG CA  HA   sing N N 18  
ARG C   O    doub N N 19  
ARG C   OXT  sing N N 20  
ARG CB  CG   sing N N 21  
ARG CB  HB2  sing N N 22  
ARG CB  HB3  sing N N 23  
ARG CG  CD   sing N N 24  
ARG CG  HG2  sing N N 25  
ARG CG  HG3  sing N N 26  
ARG CD  NE   sing N N 27  
ARG CD  HD2  sing N N 28  
ARG CD  HD3  sing N N 29  
ARG NE  CZ   sing N N 30  
ARG NE  HE   sing N N 31  
ARG CZ  NH1  sing N N 32  
ARG CZ  NH2  doub N N 33  
ARG NH1 HH11 sing N N 34  
ARG NH1 HH12 sing N N 35  
ARG NH2 HH21 sing N N 36  
ARG NH2 HH22 sing N N 37  
ARG OXT HXT  sing N N 38  
ASN N   CA   sing N N 39  
ASN N   H    sing N N 40  
ASN N   H2   sing N N 41  
ASN CA  C    sing N N 42  
ASN CA  CB   sing N N 43  
ASN CA  HA   sing N N 44  
ASN C   O    doub N N 45  
ASN C   OXT  sing N N 46  
ASN CB  CG   sing N N 47  
ASN CB  HB2  sing N N 48  
ASN CB  HB3  sing N N 49  
ASN CG  OD1  doub N N 50  
ASN CG  ND2  sing N N 51  
ASN ND2 HD21 sing N N 52  
ASN ND2 HD22 sing N N 53  
ASN OXT HXT  sing N N 54  
ASP N   CA   sing N N 55  
ASP N   H    sing N N 56  
ASP N   H2   sing N N 57  
ASP CA  C    sing N N 58  
ASP CA  CB   sing N N 59  
ASP CA  HA   sing N N 60  
ASP C   O    doub N N 61  
ASP C   OXT  sing N N 62  
ASP CB  CG   sing N N 63  
ASP CB  HB2  sing N N 64  
ASP CB  HB3  sing N N 65  
ASP CG  OD1  doub N N 66  
ASP CG  OD2  sing N N 67  
ASP OD2 HD2  sing N N 68  
ASP OXT HXT  sing N N 69  
CYS N   CA   sing N N 70  
CYS N   H    sing N N 71  
CYS N   H2   sing N N 72  
CYS CA  C    sing N N 73  
CYS CA  CB   sing N N 74  
CYS CA  HA   sing N N 75  
CYS C   O    doub N N 76  
CYS C   OXT  sing N N 77  
CYS CB  SG   sing N N 78  
CYS CB  HB2  sing N N 79  
CYS CB  HB3  sing N N 80  
CYS SG  HG   sing N N 81  
CYS OXT HXT  sing N N 82  
GLN N   CA   sing N N 83  
GLN N   H    sing N N 84  
GLN N   H2   sing N N 85  
GLN CA  C    sing N N 86  
GLN CA  CB   sing N N 87  
GLN CA  HA   sing N N 88  
GLN C   O    doub N N 89  
GLN C   OXT  sing N N 90  
GLN CB  CG   sing N N 91  
GLN CB  HB2  sing N N 92  
GLN CB  HB3  sing N N 93  
GLN CG  CD   sing N N 94  
GLN CG  HG2  sing N N 95  
GLN CG  HG3  sing N N 96  
GLN CD  OE1  doub N N 97  
GLN CD  NE2  sing N N 98  
GLN NE2 HE21 sing N N 99  
GLN NE2 HE22 sing N N 100 
GLN OXT HXT  sing N N 101 
GLU N   CA   sing N N 102 
GLU N   H    sing N N 103 
GLU N   H2   sing N N 104 
GLU CA  C    sing N N 105 
GLU CA  CB   sing N N 106 
GLU CA  HA   sing N N 107 
GLU C   O    doub N N 108 
GLU C   OXT  sing N N 109 
GLU CB  CG   sing N N 110 
GLU CB  HB2  sing N N 111 
GLU CB  HB3  sing N N 112 
GLU CG  CD   sing N N 113 
GLU CG  HG2  sing N N 114 
GLU CG  HG3  sing N N 115 
GLU CD  OE1  doub N N 116 
GLU CD  OE2  sing N N 117 
GLU OE2 HE2  sing N N 118 
GLU OXT HXT  sing N N 119 
GLY N   CA   sing N N 120 
GLY N   H    sing N N 121 
GLY N   H2   sing N N 122 
GLY CA  C    sing N N 123 
GLY CA  HA2  sing N N 124 
GLY CA  HA3  sing N N 125 
GLY C   O    doub N N 126 
GLY C   OXT  sing N N 127 
GLY OXT HXT  sing N N 128 
HIS N   CA   sing N N 129 
HIS N   H    sing N N 130 
HIS N   H2   sing N N 131 
HIS CA  C    sing N N 132 
HIS CA  CB   sing N N 133 
HIS CA  HA   sing N N 134 
HIS C   O    doub N N 135 
HIS C   OXT  sing N N 136 
HIS CB  CG   sing N N 137 
HIS CB  HB2  sing N N 138 
HIS CB  HB3  sing N N 139 
HIS CG  ND1  sing Y N 140 
HIS CG  CD2  doub Y N 141 
HIS ND1 CE1  doub Y N 142 
HIS ND1 HD1  sing N N 143 
HIS CD2 NE2  sing Y N 144 
HIS CD2 HD2  sing N N 145 
HIS CE1 NE2  sing Y N 146 
HIS CE1 HE1  sing N N 147 
HIS NE2 HE2  sing N N 148 
HIS OXT HXT  sing N N 149 
HOH O   H1   sing N N 150 
HOH O   H2   sing N N 151 
LEU N   CA   sing N N 152 
LEU N   H    sing N N 153 
LEU N   H2   sing N N 154 
LEU CA  C    sing N N 155 
LEU CA  CB   sing N N 156 
LEU CA  HA   sing N N 157 
LEU C   O    doub N N 158 
LEU C   OXT  sing N N 159 
LEU CB  CG   sing N N 160 
LEU CB  HB2  sing N N 161 
LEU CB  HB3  sing N N 162 
LEU CG  CD1  sing N N 163 
LEU CG  CD2  sing N N 164 
LEU CG  HG   sing N N 165 
LEU CD1 HD11 sing N N 166 
LEU CD1 HD12 sing N N 167 
LEU CD1 HD13 sing N N 168 
LEU CD2 HD21 sing N N 169 
LEU CD2 HD22 sing N N 170 
LEU CD2 HD23 sing N N 171 
LEU OXT HXT  sing N N 172 
LYS N   CA   sing N N 173 
LYS N   H    sing N N 174 
LYS N   H2   sing N N 175 
LYS CA  C    sing N N 176 
LYS CA  CB   sing N N 177 
LYS CA  HA   sing N N 178 
LYS C   O    doub N N 179 
LYS C   OXT  sing N N 180 
LYS CB  CG   sing N N 181 
LYS CB  HB2  sing N N 182 
LYS CB  HB3  sing N N 183 
LYS CG  CD   sing N N 184 
LYS CG  HG2  sing N N 185 
LYS CG  HG3  sing N N 186 
LYS CD  CE   sing N N 187 
LYS CD  HD2  sing N N 188 
LYS CD  HD3  sing N N 189 
LYS CE  NZ   sing N N 190 
LYS CE  HE2  sing N N 191 
LYS CE  HE3  sing N N 192 
LYS NZ  HZ1  sing N N 193 
LYS NZ  HZ2  sing N N 194 
LYS NZ  HZ3  sing N N 195 
LYS OXT HXT  sing N N 196 
MET N   CA   sing N N 197 
MET N   H    sing N N 198 
MET N   H2   sing N N 199 
MET CA  C    sing N N 200 
MET CA  CB   sing N N 201 
MET CA  HA   sing N N 202 
MET C   O    doub N N 203 
MET C   OXT  sing N N 204 
MET CB  CG   sing N N 205 
MET CB  HB2  sing N N 206 
MET CB  HB3  sing N N 207 
MET CG  SD   sing N N 208 
MET CG  HG2  sing N N 209 
MET CG  HG3  sing N N 210 
MET SD  CE   sing N N 211 
MET CE  HE1  sing N N 212 
MET CE  HE2  sing N N 213 
MET CE  HE3  sing N N 214 
MET OXT HXT  sing N N 215 
SER N   CA   sing N N 216 
SER N   H    sing N N 217 
SER N   H2   sing N N 218 
SER CA  C    sing N N 219 
SER CA  CB   sing N N 220 
SER CA  HA   sing N N 221 
SER C   O    doub N N 222 
SER C   OXT  sing N N 223 
SER CB  OG   sing N N 224 
SER CB  HB2  sing N N 225 
SER CB  HB3  sing N N 226 
SER OG  HG   sing N N 227 
SER OXT HXT  sing N N 228 
TYR N   CA   sing N N 229 
TYR N   H    sing N N 230 
TYR N   H2   sing N N 231 
TYR CA  C    sing N N 232 
TYR CA  CB   sing N N 233 
TYR CA  HA   sing N N 234 
TYR C   O    doub N N 235 
TYR C   OXT  sing N N 236 
TYR CB  CG   sing N N 237 
TYR CB  HB2  sing N N 238 
TYR CB  HB3  sing N N 239 
TYR CG  CD1  doub Y N 240 
TYR CG  CD2  sing Y N 241 
TYR CD1 CE1  sing Y N 242 
TYR CD1 HD1  sing N N 243 
TYR CD2 CE2  doub Y N 244 
TYR CD2 HD2  sing N N 245 
TYR CE1 CZ   doub Y N 246 
TYR CE1 HE1  sing N N 247 
TYR CE2 CZ   sing Y N 248 
TYR CE2 HE2  sing N N 249 
TYR CZ  OH   sing N N 250 
TYR OH  HH   sing N N 251 
TYR OXT HXT  sing N N 252 
VAL N   CA   sing N N 253 
VAL N   H    sing N N 254 
VAL N   H2   sing N N 255 
VAL CA  C    sing N N 256 
VAL CA  CB   sing N N 257 
VAL CA  HA   sing N N 258 
VAL C   O    doub N N 259 
VAL C   OXT  sing N N 260 
VAL CB  CG1  sing N N 261 
VAL CB  CG2  sing N N 262 
VAL CB  HB   sing N N 263 
VAL CG1 HG11 sing N N 264 
VAL CG1 HG12 sing N N 265 
VAL CG1 HG13 sing N N 266 
VAL CG2 HG21 sing N N 267 
VAL CG2 HG22 sing N N 268 
VAL CG2 HG23 sing N N 269 
VAL OXT HXT  sing N N 270 
# 
_atom_sites.entry_id                    1C94 
_atom_sites.fract_transf_matrix[1][1]   0.02470120 
_atom_sites.fract_transf_matrix[1][2]   0.00825964 
_atom_sites.fract_transf_matrix[1][3]   0.01345792 
_atom_sites.fract_transf_matrix[2][1]   -0.01473803 
_atom_sites.fract_transf_matrix[2][2]   0.00305011 
_atom_sites.fract_transf_matrix[2][3]   0.02517878 
_atom_sites.fract_transf_matrix[3][1]   0.00343899 
_atom_sites.fract_transf_matrix[3][2]   -0.01690016 
_atom_sites.fract_transf_matrix[3][3]   0.00406022 
_atom_sites.fract_transf_vector[1]      0.494831 
_atom_sites.fract_transf_vector[2]      0.132673 
_atom_sites.fract_transf_vector[3]      0.048305 
# 
loop_
_atom_type.symbol 
C 
N 
O 
S 
# 
loop_
_atom_site.group_PDB 
_atom_site.id 
_atom_site.type_symbol 
_atom_site.label_atom_id 
_atom_site.label_alt_id 
_atom_site.label_comp_id 
_atom_site.label_asym_id 
_atom_site.label_entity_id 
_atom_site.label_seq_id 
_atom_site.pdbx_PDB_ins_code 
_atom_site.Cartn_x 
_atom_site.Cartn_y 
_atom_site.Cartn_z 
_atom_site.occupancy 
_atom_site.B_iso_or_equiv 
_atom_site.pdbx_formal_charge 
_atom_site.auth_seq_id 
_atom_site.auth_comp_id 
_atom_site.auth_asym_id 
_atom_site.auth_atom_id 
_atom_site.pdbx_PDB_model_num 
ATOM   1   N N   . GLY A 1 2  ? -7.570  26.720  -5.776  1.00 101.58 ? 2  GLY A N   1 
ATOM   2   C CA  . GLY A 1 2  ? -6.683  26.920  -6.933  1.00 100.53 ? 2  GLY A CA  1 
ATOM   3   C C   . GLY A 1 2  ? -5.515  27.600  -6.307  1.00 100.18 ? 2  GLY A C   1 
ATOM   4   O O   . GLY A 1 2  ? -4.468  27.802  -6.922  1.00 100.20 ? 2  GLY A O   1 
ATOM   5   N N   . GLY A 1 3  ? -5.731  27.949  -5.044  1.00 99.47  ? 3  GLY A N   1 
ATOM   6   C CA  . GLY A 1 3  ? -4.720  28.613  -4.260  1.00 97.90  ? 3  GLY A CA  1 
ATOM   7   C C   . GLY A 1 3  ? -4.328  27.745  -3.080  1.00 95.75  ? 3  GLY A C   1 
ATOM   8   O O   . GLY A 1 3  ? -3.275  27.959  -2.458  1.00 96.39  ? 3  GLY A O   1 
ATOM   9   N N   . ARG A 1 4  ? -5.140  26.737  -2.761  1.00 94.74  ? 4  ARG A N   1 
ATOM   10  C CA  . ARG A 1 4  ? -4.776  25.904  -1.607  1.00 88.77  ? 4  ARG A CA  1 
ATOM   11  C C   . ARG A 1 4  ? -4.535  24.487  -2.109  1.00 83.29  ? 4  ARG A C   1 
ATOM   12  O O   . ARG A 1 4  ? -4.458  24.270  -3.329  1.00 84.67  ? 4  ARG A O   1 
ATOM   13  C CB  . ARG A 1 4  ? -5.915  25.913  -0.585  1.00 94.44  ? 4  ARG A CB  1 
ATOM   14  C CG  . ARG A 1 4  ? -7.211  25.424  -1.205  1.00 101.69 ? 4  ARG A CG  1 
ATOM   15  C CD  . ARG A 1 4  ? -8.451  25.738  -0.383  1.00 112.73 ? 4  ARG A CD  1 
ATOM   16  N NE  . ARG A 1 4  ? -8.992  24.555  0.290   1.00 118.05 ? 4  ARG A NE  1 
ATOM   17  C CZ  . ARG A 1 4  ? -10.277 24.385  0.593   1.00 122.90 ? 4  ARG A CZ  1 
ATOM   18  N NH1 . ARG A 1 4  ? -11.170 25.321  0.283   1.00 126.07 ? 4  ARG A NH1 1 
ATOM   19  N NH2 . ARG A 1 4  ? -10.673 23.275  1.204   1.00 123.58 ? 4  ARG A NH2 1 
ATOM   20  N N   . GLU A 1 5  ? -4.387  23.520  -1.198  1.00 73.93  ? 5  GLU A N   1 
ATOM   21  C CA  . GLU A 1 5  ? -4.227  22.170  -1.684  1.00 63.87  ? 5  GLU A CA  1 
ATOM   22  C C   . GLU A 1 5  ? -4.838  21.008  -0.911  1.00 56.07  ? 5  GLU A C   1 
ATOM   23  O O   . GLU A 1 5  ? -4.368  20.576  0.173   1.00 48.39  ? 5  GLU A O   1 
ATOM   24  C CB  . GLU A 1 5  ? -2.765  21.899  -2.083  1.00 73.89  ? 5  GLU A CB  1 
ATOM   25  C CG  . GLU A 1 5  ? -2.526  22.090  -3.628  1.00 85.26  ? 5  GLU A CG  1 
ATOM   26  C CD  . GLU A 1 5  ? -1.494  23.188  -4.027  1.00 88.28  ? 5  GLU A CD  1 
ATOM   27  O OE1 . GLU A 1 5  ? -1.132  24.037  -3.191  1.00 91.68  ? 5  GLU A OE1 1 
ATOM   28  O OE2 . GLU A 1 5  ? -1.042  23.222  -5.196  1.00 82.73  ? 5  GLU A OE2 1 
ATOM   29  N N   . GLY A 1 6  ? -5.961  20.555  -1.482  1.00 50.06  ? 6  GLY A N   1 
ATOM   30  C CA  . GLY A 1 6  ? -6.669  19.374  -1.006  1.00 45.64  ? 6  GLY A CA  1 
ATOM   31  C C   . GLY A 1 6  ? -5.845  18.330  -1.748  1.00 41.20  ? 6  GLY A C   1 
ATOM   32  O O   . GLY A 1 6  ? -5.761  17.172  -1.372  1.00 42.19  ? 6  GLY A O   1 
ATOM   33  N N   . VAL A 1 7  ? -5.127  18.784  -2.786  1.00 40.10  ? 7  VAL A N   1 
ATOM   34  C CA  . VAL A 1 7  ? -4.259  17.866  -3.506  1.00 39.94  ? 7  VAL A CA  1 
ATOM   35  C C   . VAL A 1 7  ? -3.119  17.298  -2.619  1.00 38.55  ? 7  VAL A C   1 
ATOM   36  O O   . VAL A 1 7  ? -2.803  16.111  -2.610  1.00 30.41  ? 7  VAL A O   1 
ATOM   37  C CB  . VAL A 1 7  ? -3.694  18.554  -4.617  1.00 28.27  ? 7  VAL A CB  1 
ATOM   38  C CG1 . VAL A 1 7  ? -2.558  17.689  -5.213  1.00 29.21  ? 7  VAL A CG1 1 
ATOM   39  C CG2 . VAL A 1 7  ? -4.813  18.722  -5.714  1.00 37.32  ? 7  VAL A CG2 1 
ATOM   40  N N   . LEU A 1 8  ? -2.499  18.183  -1.890  1.00 36.73  ? 8  LEU A N   1 
ATOM   41  C CA  . LEU A 1 8  ? -1.428  17.861  -1.003  1.00 36.86  ? 8  LEU A CA  1 
ATOM   42  C C   . LEU A 1 8  ? -1.968  16.930  0.014   1.00 33.87  ? 8  LEU A C   1 
ATOM   43  O O   . LEU A 1 8  ? -1.264  15.955  0.392   1.00 30.15  ? 8  LEU A O   1 
ATOM   44  C CB  . LEU A 1 8  ? -0.906  19.152  -0.305  1.00 35.24  ? 8  LEU A CB  1 
ATOM   45  C CG  . LEU A 1 8  ? 0.226   19.914  -0.981  1.00 40.48  ? 8  LEU A CG  1 
ATOM   46  C CD1 . LEU A 1 8  ? 0.737   21.071  -0.041  1.00 39.26  ? 8  LEU A CD1 1 
ATOM   47  C CD2 . LEU A 1 8  ? 1.332   18.972  -1.330  1.00 30.05  ? 8  LEU A CD2 1 
ATOM   48  N N   . LYS A 1 9  ? -3.166  17.215  0.521   1.00 27.81  ? 9  LYS A N   1 
ATOM   49  C CA  . LYS A 1 9  ? -3.674  16.324  1.519   1.00 29.25  ? 9  LYS A CA  1 
ATOM   50  C C   . LYS A 1 9  ? -3.845  14.924  1.004   1.00 27.24  ? 9  LYS A C   1 
ATOM   51  O O   . LYS A 1 9  ? -3.618  13.967  1.750   1.00 28.64  ? 9  LYS A O   1 
ATOM   52  C CB  . LYS A 1 9  ? -5.017  16.843  2.113   1.00 34.75  ? 9  LYS A CB  1 
ATOM   53  C CG  . LYS A 1 9  ? -5.732  15.860  3.031   1.00 41.41  ? 9  LYS A CG  1 
ATOM   54  C CD  . LYS A 1 9  ? -7.155  16.274  3.498   1.00 53.08  ? 9  LYS A CD  1 
ATOM   55  C CE  . LYS A 1 9  ? -8.250  16.084  2.370   1.00 50.85  ? 9  LYS A CE  1 
ATOM   56  N NZ  . LYS A 1 9  ? -9.691  16.195  2.816   1.00 53.45  ? 9  LYS A NZ  1 
ATOM   57  N N   . LYS A 1 10 ? -4.374  14.802  -0.216  1.00 23.93  ? 10 LYS A N   1 
ATOM   58  C CA  . LYS A 1 10 ? -4.596  13.520  -0.872  1.00 24.12  ? 10 LYS A CA  1 
ATOM   59  C C   . LYS A 1 10 ? -3.252  12.838  -1.102  1.00 17.42  ? 10 LYS A C   1 
ATOM   60  O O   . LYS A 1 10 ? -3.038  11.697  -0.766  1.00 19.42  ? 10 LYS A O   1 
ATOM   61  C CB  . LYS A 1 10 ? -5.350  13.819  -2.166  1.00 32.44  ? 10 LYS A CB  1 
ATOM   62  C CG  . LYS A 1 10 ? -5.689  12.684  -3.127  1.00 31.54  ? 10 LYS A CG  1 
ATOM   63  C CD  . LYS A 1 10 ? -6.949  11.851  -2.768  1.00 59.51  ? 10 LYS A CD  1 
ATOM   64  C CE  . LYS A 1 10 ? -7.844  11.635  -4.013  1.00 50.73  ? 10 LYS A CE  1 
ATOM   65  N NZ  . LYS A 1 10 ? -8.266  12.958  -4.791  1.00 29.39  ? 10 LYS A NZ  1 
ATOM   66  N N   . LEU A 1 11 ? -2.257  13.576  -1.533  1.00 20.94  ? 11 LEU A N   1 
ATOM   67  C CA  . LEU A 1 11 ? -0.922  12.973  -1.781  1.00 22.47  ? 11 LEU A CA  1 
ATOM   68  C C   . LEU A 1 11 ? -0.286  12.501  -0.475  1.00 15.77  ? 11 LEU A C   1 
ATOM   69  O O   . LEU A 1 11 ? 0.504   11.518  -0.430  1.00 16.05  ? 11 LEU A O   1 
ATOM   70  C CB  . LEU A 1 11 ? -0.025  14.057  -2.366  1.00 29.71  ? 11 LEU A CB  1 
ATOM   71  C CG  . LEU A 1 11 ? -0.114  14.149  -3.866  1.00 18.04  ? 11 LEU A CG  1 
ATOM   72  C CD1 . LEU A 1 11 ? 0.794   15.277  -4.221  1.00 24.78  ? 11 LEU A CD1 1 
ATOM   73  C CD2 . LEU A 1 11 ? 0.478   12.871  -4.505  1.00 35.06  ? 11 LEU A CD2 1 
ATOM   74  N N   . ARG A 1 12 ? -0.631  13.141  0.652   1.00 22.75  ? 12 ARG A N   1 
ATOM   75  C CA  . ARG A 1 12 ? -0.024  12.774  1.919   1.00 22.83  ? 12 ARG A CA  1 
ATOM   76  C C   . ARG A 1 12 ? -0.634  11.433  2.380   1.00 25.99  ? 12 ARG A C   1 
ATOM   77  O O   . ARG A 1 12 ? 0.061   10.586  2.820   1.00 18.46  ? 12 ARG A O   1 
ATOM   78  C CB  . ARG A 1 12 ? -0.194  13.982  2.888   1.00 25.48  ? 12 ARG A CB  1 
ATOM   79  C CG  . ARG A 1 12 ? 0.780   14.058  4.101   1.00 39.46  ? 12 ARG A CG  1 
ATOM   80  C CD  . ARG A 1 12 ? 0.196   14.966  5.292   1.00 49.44  ? 12 ARG A CD  1 
ATOM   81  N NE  . ARG A 1 12 ? -0.414  16.273  4.881   1.00 48.29  ? 12 ARG A NE  1 
ATOM   82  C CZ  . ARG A 1 12 ? 0.081   17.142  3.973   1.00 55.41  ? 12 ARG A CZ  1 
ATOM   83  N NH1 . ARG A 1 12 ? 1.243   16.944  3.298   1.00 41.61  ? 12 ARG A NH1 1 
ATOM   84  N NH2 . ARG A 1 12 ? -0.642  18.218  3.687   1.00 50.97  ? 12 ARG A NH2 1 
ATOM   85  N N   . ALA A 1 13 ? -1.952  11.256  2.243   1.00 22.08  ? 13 ALA A N   1 
ATOM   86  C CA  . ALA A 1 13 ? -2.616  10.005  2.520   1.00 25.77  ? 13 ALA A CA  1 
ATOM   87  C C   . ALA A 1 13 ? -2.003  8.910   1.590   1.00 23.80  ? 13 ALA A C   1 
ATOM   88  O O   . ALA A 1 13 ? -1.716  7.774   2.004   1.00 21.22  ? 13 ALA A O   1 
ATOM   89  C CB  . ALA A 1 13 ? -4.184  10.181  2.171   1.00 24.85  ? 13 ALA A CB  1 
ATOM   90  N N   . VAL A 1 14 ? -1.813  9.249   0.330   1.00 18.04  ? 14 VAL A N   1 
ATOM   91  C CA  . VAL A 1 14 ? -1.188  8.301   -0.632  1.00 21.59  ? 14 VAL A CA  1 
ATOM   92  C C   . VAL A 1 14 ? 0.181   7.839   -0.183  1.00 16.04  ? 14 VAL A C   1 
ATOM   93  O O   . VAL A 1 14 ? 0.532   6.663   -0.190  1.00 11.46  ? 14 VAL A O   1 
ATOM   94  C CB  . VAL A 1 14 ? -1.057  9.002   -2.054  1.00 21.31  ? 14 VAL A CB  1 
ATOM   95  C CG1 . VAL A 1 14 ? -0.005  8.245   -3.022  1.00 14.77  ? 14 VAL A CG1 1 
ATOM   96  C CG2 . VAL A 1 14 ? -2.347  8.879   -2.768  1.00 12.39  ? 14 VAL A CG2 1 
ATOM   97  N N   . GLU A 1 15 ? 1.051   8.793   0.105   1.00 13.64  ? 15 GLU A N   1 
ATOM   98  C CA  . GLU A 1 15 ? 2.367   8.449   0.579   1.00 12.47  ? 15 GLU A CA  1 
ATOM   99  C C   . GLU A 1 15 ? 2.318   7.686   1.897   1.00 20.28  ? 15 GLU A C   1 
ATOM   100 O O   . GLU A 1 15 ? 3.079   6.686   2.061   1.00 20.75  ? 15 GLU A O   1 
ATOM   101 C CB  . GLU A 1 15 ? 3.291   9.805   0.610   1.00 12.31  ? 15 GLU A CB  1 
ATOM   102 C CG  . GLU A 1 15 ? 4.794   9.540   1.027   1.00 20.70  ? 15 GLU A CG  1 
ATOM   103 C CD  . GLU A 1 15 ? 5.083   9.022   2.381   1.00 32.97  ? 15 GLU A CD  1 
ATOM   104 O OE1 . GLU A 1 15 ? 4.440   9.440   3.366   1.00 16.35  ? 15 GLU A OE1 1 
ATOM   105 O OE2 . GLU A 1 15 ? 6.031   8.202   2.479   1.00 16.82  ? 15 GLU A OE2 1 
ATOM   106 N N   . ASN A 1 16 ? 1.418   8.054   2.859   1.00 17.39  ? 16 ASN A N   1 
ATOM   107 C CA  . ASN A 1 16 ? 1.346   7.226   4.084   1.00 19.28  ? 16 ASN A CA  1 
ATOM   108 C C   . ASN A 1 16 ? 0.932   5.735   3.750   1.00 17.58  ? 16 ASN A C   1 
ATOM   109 O O   . ASN A 1 16 ? 1.456   4.730   4.296   1.00 15.89  ? 16 ASN A O   1 
ATOM   110 C CB  . ASN A 1 16 ? 0.313   7.917   5.070   1.00 15.62  ? 16 ASN A CB  1 
ATOM   111 C CG  . ASN A 1 16 ? 0.975   9.121   5.835   1.00 29.33  ? 16 ASN A CG  1 
ATOM   112 O OD1 . ASN A 1 16 ? 2.164   9.106   5.970   1.00 15.08  ? 16 ASN A OD1 1 
ATOM   113 N ND2 . ASN A 1 16 ? 0.226   10.134  6.251   1.00 23.29  ? 16 ASN A ND2 1 
ATOM   114 N N   . GLU A 1 17 ? -0.089  5.597   2.890   1.00 15.69  ? 17 GLU A N   1 
ATOM   115 C CA  . GLU A 1 17 ? -0.575  4.290   2.473   1.00 17.58  ? 17 GLU A CA  1 
ATOM   116 C C   . GLU A 1 17 ? 0.485   3.502   1.824   1.00 11.17  ? 17 GLU A C   1 
ATOM   117 O O   . GLU A 1 17 ? 0.657   2.279   2.143   1.00 17.67  ? 17 GLU A O   1 
ATOM   118 C CB  . GLU A 1 17 ? -1.814  4.484   1.618   1.00 14.53  ? 17 GLU A CB  1 
ATOM   119 C CG  . GLU A 1 17 ? -2.948  5.058   2.501   1.00 25.99  ? 17 GLU A CG  1 
ATOM   120 C CD  . GLU A 1 17 ? -4.239  5.245   1.748   1.00 20.81  ? 17 GLU A CD  1 
ATOM   121 O OE1 . GLU A 1 17 ? -4.402  4.498   0.628   1.00 25.95  ? 17 GLU A OE1 1 
ATOM   122 O OE2 . GLU A 1 17 ? -5.063  6.117   2.282   1.00 22.62  ? 17 GLU A OE2 1 
ATOM   123 N N   . LEU A 1 18 ? 1.345   4.163   1.032   1.00 15.08  ? 18 LEU A N   1 
ATOM   124 C CA  . LEU A 1 18 ? 2.502   3.438   0.404   1.00 17.14  ? 18 LEU A CA  1 
ATOM   125 C C   . LEU A 1 18 ? 3.490   3.005   1.441   1.00 11.58  ? 18 LEU A C   1 
ATOM   126 O O   . LEU A 1 18 ? 4.082   1.880   1.372   1.00 14.32  ? 18 LEU A O   1 
ATOM   127 C CB  . LEU A 1 18 ? 3.170   4.456   -0.551  1.00 19.67  ? 18 LEU A CB  1 
ATOM   128 C CG  . LEU A 1 18 ? 3.884   4.255   -1.917  1.00 37.25  ? 18 LEU A CG  1 
ATOM   129 C CD1 . LEU A 1 18 ? 3.223   3.076   -2.693  1.00 16.63  ? 18 LEU A CD1 1 
ATOM   130 C CD2 . LEU A 1 18 ? 3.881   5.701   -2.706  1.00 21.43  ? 18 LEU A CD2 1 
ATOM   131 N N   . HIS A 1 19 ? 3.774   3.861   2.485   1.00 16.76  ? 19 HIS A N   1 
ATOM   132 C CA  . HIS A 1 19 ? 4.689   3.414   3.514   1.00 20.10  ? 19 HIS A CA  1 
ATOM   133 C C   . HIS A 1 19 ? 4.080   2.206   4.317   1.00 14.57  ? 19 HIS A C   1 
ATOM   134 O O   . HIS A 1 19 ? 4.781   1.206   4.709   1.00 13.66  ? 19 HIS A O   1 
ATOM   135 C CB  . HIS A 1 19 ? 5.056   4.574   4.458   1.00 16.08  ? 19 HIS A CB  1 
ATOM   136 C CG  . HIS A 1 19 ? 5.811   4.131   5.698   1.00 23.02  ? 19 HIS A CG  1 
ATOM   137 N ND1 . HIS A 1 19 ? 7.194   4.107   5.763   1.00 14.33  ? 19 HIS A ND1 1 
ATOM   138 C CD2 . HIS A 1 19 ? 5.380   3.575   6.853   1.00 16.26  ? 19 HIS A CD2 1 
ATOM   139 C CE1 . HIS A 1 19 ? 7.599   3.536   6.889   1.00 20.73  ? 19 HIS A CE1 1 
ATOM   140 N NE2 . HIS A 1 19 ? 6.522   3.193   7.577   1.00 16.38  ? 19 HIS A NE2 1 
ATOM   141 N N   . TYR A 1 20 ? 2.771   2.183   4.450   1.00 14.04  ? 20 TYR A N   1 
ATOM   142 C CA  . TYR A 1 20 ? 2.157   0.987   5.154   1.00 15.07  ? 20 TYR A CA  1 
ATOM   143 C C   . TYR A 1 20 ? 2.430   -0.320  4.284   1.00 9.92   ? 20 TYR A C   1 
ATOM   144 O O   . TYR A 1 20 ? 2.737   -1.444  4.774   1.00 12.02  ? 20 TYR A O   1 
ATOM   145 C CB  . TYR A 1 20 ? 0.635   1.250   5.342   1.00 11.84  ? 20 TYR A CB  1 
ATOM   146 C CG  . TYR A 1 20 ? -0.116  0.089   5.976   1.00 21.69  ? 20 TYR A CG  1 
ATOM   147 C CD1 . TYR A 1 20 ? -0.285  -0.043  7.360   1.00 32.96  ? 20 TYR A CD1 1 
ATOM   148 C CD2 . TYR A 1 20 ? -0.534  -0.978  5.182   1.00 27.32  ? 20 TYR A CD2 1 
ATOM   149 C CE1 . TYR A 1 20 ? -0.845  -1.246  7.924   1.00 38.00  ? 20 TYR A CE1 1 
ATOM   150 C CE2 . TYR A 1 20 ? -1.107  -2.149  5.771   1.00 27.35  ? 20 TYR A CE2 1 
ATOM   151 C CZ  . TYR A 1 20 ? -1.243  -2.274  7.116   1.00 32.10  ? 20 TYR A CZ  1 
ATOM   152 O OH  . TYR A 1 20 ? -1.787  -3.480  7.612   1.00 44.03  ? 20 TYR A OH  1 
ATOM   153 N N   . ASN A 1 21 ? 2.334   -0.207  3.003   1.00 10.67  ? 21 ASN A N   1 
ATOM   154 C CA  . ASN A 1 21 ? 2.488   -1.407  2.129   1.00 14.35  ? 21 ASN A CA  1 
ATOM   155 C C   . ASN A 1 21 ? 3.925   -1.738  2.148   1.00 17.89  ? 21 ASN A C   1 
ATOM   156 O O   . ASN A 1 21 ? 4.363   -2.917  2.101   1.00 18.46  ? 21 ASN A O   1 
ATOM   157 C CB  . ASN A 1 21 ? 2.084   -1.064  0.641   1.00 20.87  ? 21 ASN A CB  1 
ATOM   158 C CG  . ASN A 1 21 ? 0.597   -0.988  0.412   1.00 21.46  ? 21 ASN A CG  1 
ATOM   159 O OD1 . ASN A 1 21 ? 0.117   -0.660  -0.710  1.00 23.09  ? 21 ASN A OD1 1 
ATOM   160 N ND2 . ASN A 1 21 ? -0.149  -1.242  1.436   1.00 20.58  ? 21 ASN A ND2 1 
ATOM   161 N N   . LYS A 1 22 ? 4.762   -0.708  2.191   1.00 20.29  ? 22 LYS A N   1 
ATOM   162 C CA  . LYS A 1 22 ? 6.189   -0.997  2.332   1.00 19.97  ? 22 LYS A CA  1 
ATOM   163 C C   . LYS A 1 22 ? 6.541   -1.833  3.552   1.00 17.56  ? 22 LYS A C   1 
ATOM   164 O O   . LYS A 1 22 ? 7.376   -2.760  3.454   1.00 21.20  ? 22 LYS A O   1 
ATOM   165 C CB  . LYS A 1 22 ? 7.053   0.347   2.305   1.00 23.02  ? 22 LYS A CB  1 
ATOM   166 C CG  . LYS A 1 22 ? 8.622   0.147   2.802   1.00 19.24  ? 22 LYS A CG  1 
ATOM   167 C CD  . LYS A 1 22 ? 9.441   1.442   2.803   1.00 23.29  ? 22 LYS A CD  1 
ATOM   168 C CE  . LYS A 1 22 ? 10.454  1.465   3.873   1.00 34.59  ? 22 LYS A CE  1 
ATOM   169 N NZ  . LYS A 1 22 ? 11.146  0.150   3.893   1.00 52.81  ? 22 LYS A NZ  1 
ATOM   170 N N   . SER A 1 23 ? 6.029   -1.502  4.759   1.00 24.34  ? 23 SER A N   1 
ATOM   171 C CA  . SER A 1 23 ? 6.375   -2.276  6.008   1.00 24.61  ? 23 SER A CA  1 
ATOM   172 C C   . SER A 1 23 ? 5.721   -3.678  5.815   1.00 12.70  ? 23 SER A C   1 
ATOM   173 O O   . SER A 1 23 ? 6.227   -4.771  6.239   1.00 12.52  ? 23 SER A O   1 
ATOM   174 C CB  . SER A 1 23 ? 5.715   -1.652  7.288   1.00 26.67  ? 23 SER A CB  1 
ATOM   175 O OG  . SER A 1 23 ? 5.881   -0.204  7.295   1.00 23.70  ? 23 SER A OG  1 
ATOM   176 N N   . LEU A 1 24 ? 4.531   -3.739  5.268   1.00 11.46  ? 24 LEU A N   1 
ATOM   177 C CA  . LEU A 1 24 ? 4.039   -5.115  5.163   1.00 15.71  ? 24 LEU A CA  1 
ATOM   178 C C   . LEU A 1 24 ? 4.844   -6.013  4.224   1.00 15.80  ? 24 LEU A C   1 
ATOM   179 O O   . LEU A 1 24 ? 4.975   -7.315  4.368   1.00 19.17  ? 24 LEU A O   1 
ATOM   180 C CB  . LEU A 1 24 ? 2.643   -4.969  4.722   1.00 27.87  ? 24 LEU A CB  1 
ATOM   181 C CG  . LEU A 1 24 ? 1.703   -6.097  4.710   1.00 44.96  ? 24 LEU A CG  1 
ATOM   182 C CD1 . LEU A 1 24 ? 1.715   -6.746  6.113   1.00 43.96  ? 24 LEU A CD1 1 
ATOM   183 C CD2 . LEU A 1 24 ? 0.352   -5.466  4.265   1.00 33.15  ? 24 LEU A CD2 1 
ATOM   184 N N   . LEU A 1 25 ? 5.344   -5.393  3.172   1.00 21.91  ? 25 LEU A N   1 
ATOM   185 C CA  . LEU A 1 25 ? 6.150   -6.112  2.134   1.00 22.57  ? 25 LEU A CA  1 
ATOM   186 C C   . LEU A 1 25 ? 7.403   -6.516  2.800   1.00 23.85  ? 25 LEU A C   1 
ATOM   187 O O   . LEU A 1 25 ? 7.890   -7.610  2.545   1.00 16.88  ? 25 LEU A O   1 
ATOM   188 C CB  . LEU A 1 25 ? 6.435   -5.126  0.984   1.00 24.07  ? 25 LEU A CB  1 
ATOM   189 C CG  . LEU A 1 25 ? 6.613   -5.489  -0.454  1.00 27.30  ? 25 LEU A CG  1 
ATOM   190 C CD1 . LEU A 1 25 ? 5.991   -6.867  -0.913  1.00 12.58  ? 25 LEU A CD1 1 
ATOM   191 C CD2 . LEU A 1 25 ? 5.917   -4.292  -1.069  1.00 28.60  ? 25 LEU A CD2 1 
ATOM   192 N N   . GLU A 1 26 ? 8.002   -5.682  3.673   1.00 19.75  ? 26 GLU A N   1 
ATOM   193 C CA  . GLU A 1 26 ? 9.224   -6.127  4.382   1.00 22.56  ? 26 GLU A CA  1 
ATOM   194 C C   . GLU A 1 26 ? 8.907   -7.251  5.351   1.00 29.39  ? 26 GLU A C   1 
ATOM   195 O O   . GLU A 1 26 ? 9.746   -8.129  5.654   1.00 26.98  ? 26 GLU A O   1 
ATOM   196 C CB  . GLU A 1 26 ? 9.775   -5.009  5.238   1.00 17.31  ? 26 GLU A CB  1 
ATOM   197 C CG  . GLU A 1 26 ? 10.208  -3.683  4.578   1.00 37.19  ? 26 GLU A CG  1 
ATOM   198 C CD  . GLU A 1 26 ? 11.605  -3.669  4.006   1.00 34.19  ? 26 GLU A CD  1 
ATOM   199 O OE1 . GLU A 1 26 ? 12.077  -2.553  3.608   1.00 51.42  ? 26 GLU A OE1 1 
ATOM   200 O OE2 . GLU A 1 26 ? 12.253  -4.726  3.929   1.00 56.44  ? 26 GLU A OE2 1 
ATOM   201 N N   . GLU A 1 27 ? 7.713   -7.166  5.950   1.00 22.53  ? 27 GLU A N   1 
ATOM   202 C CA  . GLU A 1 27 ? 7.293   -8.249  6.897   1.00 26.90  ? 27 GLU A CA  1 
ATOM   203 C C   . GLU A 1 27 ? 7.153   -9.535  6.040   1.00 27.71  ? 27 GLU A C   1 
ATOM   204 O O   . GLU A 1 27 ? 7.561   -10.619 6.444   1.00 24.80  ? 27 GLU A O   1 
ATOM   205 C CB  . GLU A 1 27 ? 5.964   -7.908  7.583   1.00 25.58  ? 27 GLU A CB  1 
ATOM   206 C CG  . GLU A 1 27 ? 5.144   -9.162  8.074   1.00 43.86  ? 27 GLU A CG  1 
ATOM   207 C CD  . GLU A 1 27 ? 3.882   -8.852  8.910   1.00 44.99  ? 27 GLU A CD  1 
ATOM   208 O OE1 . GLU A 1 27 ? 3.174   -7.867  8.621   1.00 30.88  ? 27 GLU A OE1 1 
ATOM   209 O OE2 . GLU A 1 27 ? 3.561   -9.608  9.853   1.00 51.45  ? 27 GLU A OE2 1 
ATOM   210 N N   . VAL A 1 28 ? 6.593   -9.445  4.842   1.00 20.81  ? 28 VAL A N   1 
ATOM   211 C CA  . VAL A 1 28 ? 6.515   -10.690 3.947   1.00 17.85  ? 28 VAL A CA  1 
ATOM   212 C C   . VAL A 1 28 ? 7.852   -11.152 3.667   1.00 20.80  ? 28 VAL A C   1 
ATOM   213 O O   . VAL A 1 28 ? 8.196   -12.271 3.762   1.00 20.11  ? 28 VAL A O   1 
ATOM   214 C CB  . VAL A 1 28 ? 5.803   -10.325 2.564   1.00 19.57  ? 28 VAL A CB  1 
ATOM   215 C CG1 . VAL A 1 28 ? 5.932   -11.463 1.479   1.00 19.45  ? 28 VAL A CG1 1 
ATOM   216 C CG2 . VAL A 1 28 ? 4.334   -10.137 2.874   1.00 13.60  ? 28 VAL A CG2 1 
ATOM   217 N N   . LYS A 1 29 ? 8.691   -10.312 3.085   1.00 24.62  ? 29 LYS A N   1 
ATOM   218 C CA  . LYS A 1 29 ? 10.089  -10.760 2.813   1.00 27.01  ? 29 LYS A CA  1 
ATOM   219 C C   . LYS A 1 29 ? 10.810  -11.364 4.048   1.00 35.94  ? 29 LYS A C   1 
ATOM   220 O O   . LYS A 1 29 ? 11.622  -12.332 3.898   1.00 32.60  ? 29 LYS A O   1 
ATOM   221 C CB  . LYS A 1 29 ? 10.910  -9.547  2.440   1.00 25.31  ? 29 LYS A CB  1 
ATOM   222 C CG  . LYS A 1 29 ? 12.171  -9.773  1.765   1.00 29.04  ? 29 LYS A CG  1 
ATOM   223 C CD  . LYS A 1 29 ? 12.816  -8.474  1.582   1.00 47.13  ? 29 LYS A CD  1 
ATOM   224 C CE  . LYS A 1 29 ? 13.598  -8.187  2.772   1.00 50.48  ? 29 LYS A CE  1 
ATOM   225 N NZ  . LYS A 1 29 ? 14.490  -9.357  2.799   1.00 63.94  ? 29 LYS A NZ  1 
ATOM   226 N N   . ASP A 1 30 ? 10.656  -10.735 5.240   1.00 28.89  ? 30 ASP A N   1 
ATOM   227 C CA  . ASP A 1 30 ? 11.318  -11.247 6.460   1.00 37.89  ? 30 ASP A CA  1 
ATOM   228 C C   . ASP A 1 30 ? 10.712  -12.617 6.743   1.00 38.21  ? 30 ASP A C   1 
ATOM   229 O O   . ASP A 1 30 ? 11.397  -13.538 7.131   1.00 39.51  ? 30 ASP A O   1 
ATOM   230 C CB  . ASP A 1 30 ? 11.049  -10.402 7.769   1.00 41.75  ? 30 ASP A CB  1 
ATOM   231 C CG  . ASP A 1 30 ? 11.603  -8.960  7.750   1.00 54.13  ? 30 ASP A CG  1 
ATOM   232 O OD1 . ASP A 1 30 ? 12.483  -8.615  6.952   1.00 50.25  ? 30 ASP A OD1 1 
ATOM   233 O OD2 . ASP A 1 30 ? 11.142  -8.154  8.596   1.00 53.37  ? 30 ASP A OD2 1 
ATOM   234 N N   . GLU A 1 31 ? 9.397   -12.753 6.617   1.00 37.89  ? 31 GLU A N   1 
ATOM   235 C CA  . GLU A 1 31 ? 8.817   -14.044 6.871   1.00 33.37  ? 31 GLU A CA  1 
ATOM   236 C C   . GLU A 1 31 ? 9.230   -15.093 5.886   1.00 36.23  ? 31 GLU A C   1 
ATOM   237 O O   . GLU A 1 31 ? 9.206   -16.293 6.187   1.00 39.52  ? 31 GLU A O   1 
ATOM   238 C CB  . GLU A 1 31 ? 7.301   -13.975 6.929   1.00 30.14  ? 31 GLU A CB  1 
ATOM   239 C CG  . GLU A 1 31 ? 6.905   -13.288 8.273   1.00 29.43  ? 31 GLU A CG  1 
ATOM   240 C CD  . GLU A 1 31 ? 5.469   -12.941 8.307   1.00 44.79  ? 31 GLU A CD  1 
ATOM   241 O OE1 . GLU A 1 31 ? 5.096   -12.171 9.217   1.00 40.75  ? 31 GLU A OE1 1 
ATOM   242 O OE2 . GLU A 1 31 ? 4.722   -13.455 7.399   1.00 51.19  ? 31 GLU A OE2 1 
ATOM   243 N N   . LEU A 1 32 ? 9.587   -14.677 4.696   1.00 31.87  ? 32 LEU A N   1 
ATOM   244 C CA  . LEU A 1 32 ? 9.992   -15.658 3.691   1.00 34.71  ? 32 LEU A CA  1 
ATOM   245 C C   . LEU A 1 32 ? 11.421  -16.060 3.941   1.00 39.23  ? 32 LEU A C   1 
ATOM   246 O O   . LEU A 1 32 ? 11.822  -17.236 3.816   1.00 40.68  ? 32 LEU A O   1 
ATOM   247 C CB  . LEU A 1 32 ? 9.961   -15.031 2.314   1.00 32.12  ? 32 LEU A CB  1 
ATOM   248 C CG  . LEU A 1 32 ? 8.700   -15.128 1.517   1.00 26.75  ? 32 LEU A CG  1 
ATOM   249 C CD1 . LEU A 1 32 ? 9.126   -14.493 0.168   1.00 31.68  ? 32 LEU A CD1 1 
ATOM   250 C CD2 . LEU A 1 32 ? 8.299   -16.651 1.234   1.00 38.59  ? 32 LEU A CD2 1 
ATOM   251 N N   . GLN A 1 33 ? 12.268  -15.066 4.216   1.00 43.49  ? 33 GLN A N   1 
ATOM   252 C CA  . GLN A 1 33 ? 13.687  -15.420 4.365   1.00 51.93  ? 33 GLN A CA  1 
ATOM   253 C C   . GLN A 1 33 ? 13.869  -16.151 5.639   1.00 58.76  ? 33 GLN A C   1 
ATOM   254 O O   . GLN A 1 33 ? 14.986  -16.477 6.034   1.00 63.25  ? 33 GLN A O   1 
ATOM   255 C CB  . GLN A 1 33 ? 14.552  -14.193 4.319   1.00 46.64  ? 33 GLN A CB  1 
ATOM   256 C CG  . GLN A 1 33 ? 14.282  -13.386 3.067   1.00 55.70  ? 33 GLN A CG  1 
ATOM   257 C CD  . GLN A 1 33 ? 15.322  -12.347 2.867   1.00 63.05  ? 33 GLN A CD  1 
ATOM   258 O OE1 . GLN A 1 33 ? 15.511  -11.501 3.729   1.00 69.94  ? 33 GLN A OE1 1 
ATOM   259 N NE2 . GLN A 1 33 ? 16.023  -12.394 1.722   1.00 58.62  ? 33 GLN A NE2 1 
ATOM   260 N N   . LYS A 1 34 ? 12.743  -16.393 6.287   1.00 63.62  ? 34 LYS A N   1 
ATOM   261 C CA  . LYS A 1 34 ? 12.694  -17.097 7.535   1.00 67.83  ? 34 LYS A CA  1 
ATOM   262 C C   . LYS A 1 34 ? 12.456  -18.567 7.172   1.00 74.85  ? 34 LYS A C   1 
ATOM   263 O O   . LYS A 1 34 ? 13.340  -19.422 7.332   1.00 77.33  ? 34 LYS A O   1 
ATOM   264 C CB  . LYS A 1 34 ? 11.518  -16.566 8.356   1.00 53.87  ? 34 LYS A CB  1 
ATOM   265 C CG  . LYS A 1 34 ? 11.605  -16.760 9.831   1.00 61.16  ? 34 LYS A CG  1 
ATOM   266 C CD  . LYS A 1 34 ? 10.487  -15.995 10.502  1.00 55.96  ? 34 LYS A CD  1 
ATOM   267 C CE  . LYS A 1 34 ? 11.043  -14.972 11.491  1.00 61.15  ? 34 LYS A CE  1 
ATOM   268 N NZ  . LYS A 1 34 ? 9.958   -14.118 12.129  1.00 60.54  ? 34 LYS A NZ  1 
ATOM   269 N N   . MET A 1 35 ? 11.268  -18.864 6.669   1.00 76.23  ? 35 MET A N   1 
ATOM   270 C CA  . MET A 1 35 ? 10.966  -20.229 6.327   1.00 80.81  ? 35 MET A CA  1 
ATOM   271 C C   . MET A 1 35 ? 11.786  -20.719 5.140   1.00 81.57  ? 35 MET A C   1 
ATOM   272 O O   . MET A 1 35 ? 11.266  -21.461 4.318   1.00 83.64  ? 35 MET A O   1 
ATOM   273 C CB  . MET A 1 35 ? 9.474   -20.382 6.053   1.00 84.83  ? 35 MET A CB  1 
ATOM   274 C CG  . MET A 1 35 ? 8.910   -19.374 5.135   1.00 76.45  ? 35 MET A CG  1 
ATOM   275 S SD  . MET A 1 35 ? 7.444   -20.040 4.350   1.00 93.82  ? 35 MET A SD  1 
ATOM   276 C CE  . MET A 1 35 ? 8.142   -20.623 2.798   1.00 93.28  ? 35 MET A CE  1 
ATOM   277 N N   . ARG A 1 36 ? 13.069  -20.338 5.108   1.00 82.53  ? 36 ARG A N   1 
ATOM   278 C CA  . ARG A 1 36 ? 14.034  -20.684 4.047   1.00 84.23  ? 36 ARG A CA  1 
ATOM   279 C C   . ARG A 1 36 ? 15.279  -21.479 4.548   1.00 83.03  ? 36 ARG A C   1 
ATOM   280 O O   . ARG A 1 36 ? 15.431  -21.655 5.758   1.00 81.08  ? 36 ARG A O   1 
ATOM   281 C CB  . ARG A 1 36 ? 14.520  -19.398 3.376   1.00 87.79  ? 36 ARG A CB  1 
ATOM   282 C CG  . ARG A 1 36 ? 15.741  -19.586 2.505   1.00 92.36  ? 36 ARG A CG  1 
ATOM   283 C CD  . ARG A 1 36 ? 16.699  -18.420 2.595   1.00 92.75  ? 36 ARG A CD  1 
ATOM   284 N NE  . ARG A 1 36 ? 16.197  -17.265 1.870   1.00 94.26  ? 36 ARG A NE  1 
ATOM   285 C CZ  . ARG A 1 36 ? 16.861  -16.126 1.757   1.00 95.60  ? 36 ARG A CZ  1 
ATOM   286 N NH1 . ARG A 1 36 ? 18.054  -16.005 2.331   1.00 90.58  ? 36 ARG A NH1 1 
ATOM   287 N NH2 . ARG A 1 36 ? 16.331  -15.117 1.063   1.00 92.56  ? 36 ARG A NH2 1 
ATOM   288 N N   . GLN A 1 37 ? 16.143  -21.917 3.597   1.00 87.81  ? 37 GLN A N   1 
ATOM   289 C CA  . GLN A 1 37 ? 17.407  -22.707 3.798   1.00 91.87  ? 37 GLN A CA  1 
ATOM   290 C C   . GLN A 1 37 ? 17.938  -22.687 5.229   1.00 94.03  ? 37 GLN A C   1 
ATOM   291 O O   . GLN A 1 37 ? 18.024  -23.729 5.902   1.00 95.09  ? 37 GLN A O   1 
ATOM   292 C CB  . GLN A 1 37 ? 18.537  -22.202 2.879   1.00 95.26  ? 37 GLN A CB  1 
ATOM   293 C CG  . GLN A 1 37 ? 19.920  -22.829 3.181   1.00 98.02  ? 37 GLN A CG  1 
ATOM   294 C CD  . GLN A 1 37 ? 21.067  -21.834 3.078   1.00 98.91  ? 37 GLN A CD  1 
ATOM   295 O OE1 . GLN A 1 37 ? 21.216  -20.950 3.924   1.00 103.44 ? 37 GLN A OE1 1 
ATOM   296 N NE2 . GLN A 1 37 ? 21.880  -21.971 2.033   1.00 97.40  ? 37 GLN A NE2 1 
ATOM   297 N N   . LEU A 1 38 ? 18.372  -21.497 5.647   1.00 95.03  ? 38 LEU A N   1 
ATOM   298 C CA  . LEU A 1 38 ? 18.811  -21.259 7.014   1.00 93.98  ? 38 LEU A CA  1 
ATOM   299 C C   . LEU A 1 38 ? 17.669  -20.403 7.558   1.00 95.28  ? 38 LEU A C   1 
ATOM   300 O O   . LEU A 1 38 ? 17.193  -20.713 8.669   1.00 94.79  ? 38 LEU A O   1 
ATOM   301 C CB  . LEU A 1 38 ? 20.147  -20.504 7.076   1.00 88.59  ? 38 LEU A CB  1 
ATOM   302 C CG  . LEU A 1 38 ? 21.388  -21.303 6.658   1.00 87.26  ? 38 LEU A CG  1 
ATOM   303 C CD1 . LEU A 1 38 ? 22.646  -20.647 7.221   1.00 87.94  ? 38 LEU A CD1 1 
ATOM   304 C CD2 . LEU A 1 38 ? 21.274  -22.731 7.159   1.00 86.86  ? 38 LEU A CD2 1 
ATOM   305 O OXT . LEU A 1 38 ? 17.242  -19.457 6.839   1.00 99.54  ? 38 LEU A OXT 1 
ATOM   306 N N   . GLY B 1 2  ? -4.424  26.697  -12.163 1.00 85.81  ? 2  GLY B N   1 
ATOM   307 C CA  . GLY B 1 2  ? -5.304  26.381  -10.978 1.00 84.65  ? 2  GLY B CA  1 
ATOM   308 C C   . GLY B 1 2  ? -6.776  26.030  -11.236 1.00 85.11  ? 2  GLY B C   1 
ATOM   309 O O   . GLY B 1 2  ? -7.571  26.062  -10.290 1.00 83.66  ? 2  GLY B O   1 
ATOM   310 N N   . GLY B 1 3  ? -7.144  25.668  -12.472 1.00 85.07  ? 3  GLY B N   1 
ATOM   311 C CA  . GLY B 1 3  ? -8.539  25.352  -12.813 1.00 84.39  ? 3  GLY B CA  1 
ATOM   312 C C   . GLY B 1 3  ? -9.541  24.668  -11.863 1.00 84.67  ? 3  GLY B C   1 
ATOM   313 O O   . GLY B 1 3  ? -10.068 25.277  -10.926 1.00 84.09  ? 3  GLY B O   1 
ATOM   314 N N   . ARG B 1 4  ? -9.827  23.402  -12.194 1.00 81.62  ? 4  ARG B N   1 
ATOM   315 C CA  . ARG B 1 4  ? -10.707 22.387  -11.537 1.00 74.85  ? 4  ARG B CA  1 
ATOM   316 C C   . ARG B 1 4  ? -9.678  21.265  -11.263 1.00 72.61  ? 4  ARG B C   1 
ATOM   317 O O   . ARG B 1 4  ? -8.461  21.547  -11.221 1.00 77.40  ? 4  ARG B O   1 
ATOM   318 C CB  . ARG B 1 4  ? -11.731 21.882  -12.578 1.00 60.41  ? 4  ARG B CB  1 
ATOM   319 C CG  . ARG B 1 4  ? -11.038 21.595  -13.903 1.00 47.32  ? 4  ARG B CG  1 
ATOM   320 C CD  . ARG B 1 4  ? -11.959 21.501  -15.122 1.00 61.59  ? 4  ARG B CD  1 
ATOM   321 N NE  . ARG B 1 4  ? -12.081 20.121  -15.622 1.00 71.18  ? 4  ARG B NE  1 
ATOM   322 C CZ  . ARG B 1 4  ? -12.328 19.790  -16.890 1.00 82.58  ? 4  ARG B CZ  1 
ATOM   323 N NH1 . ARG B 1 4  ? -12.475 20.735  -17.812 1.00 81.04  ? 4  ARG B NH1 1 
ATOM   324 N NH2 . ARG B 1 4  ? -12.434 18.507  -17.234 1.00 76.58  ? 4  ARG B NH2 1 
ATOM   325 N N   . GLU B 1 5  ? -10.112 20.018  -11.071 1.00 68.83  ? 5  GLU B N   1 
ATOM   326 C CA  . GLU B 1 5  ? -9.098  18.990  -10.910 1.00 57.21  ? 5  GLU B CA  1 
ATOM   327 C C   . GLU B 1 5  ? -9.351  17.571  -11.454 1.00 51.06  ? 5  GLU B C   1 
ATOM   328 O O   . GLU B 1 5  ? -10.176 16.760  -10.931 1.00 51.31  ? 5  GLU B O   1 
ATOM   329 C CB  . GLU B 1 5  ? -8.559  18.965  -9.472  1.00 60.56  ? 5  GLU B CB  1 
ATOM   330 C CG  . GLU B 1 5  ? -7.232  19.792  -9.315  1.00 72.46  ? 5  GLU B CG  1 
ATOM   331 C CD  . GLU B 1 5  ? -7.289  20.984  -8.306  1.00 76.47  ? 5  GLU B CD  1 
ATOM   332 O OE1 . GLU B 1 5  ? -8.384  21.440  -7.931  1.00 85.83  ? 5  GLU B OE1 1 
ATOM   333 O OE2 . GLU B 1 5  ? -6.219  21.492  -7.892  1.00 66.09  ? 5  GLU B OE2 1 
ATOM   334 N N   . GLY B 1 6  ? -8.664  17.333  -12.589 1.00 45.03  ? 6  GLY B N   1 
ATOM   335 C CA  . GLY B 1 6  ? -8.630  16.023  -13.231 1.00 40.35  ? 6  GLY B CA  1 
ATOM   336 C C   . GLY B 1 6  ? -7.523  15.393  -12.405 1.00 41.65  ? 6  GLY B C   1 
ATOM   337 O O   . GLY B 1 6  ? -7.418  14.199  -12.241 1.00 42.21  ? 6  GLY B O   1 
ATOM   338 N N   . VAL B 1 7  ? -6.722  16.243  -11.794 1.00 41.86  ? 7  VAL B N   1 
ATOM   339 C CA  . VAL B 1 7  ? -5.676  15.761  -10.925 1.00 41.71  ? 7  VAL B CA  1 
ATOM   340 C C   . VAL B 1 7  ? -6.172  14.952  -9.684  1.00 38.44  ? 7  VAL B C   1 
ATOM   341 O O   . VAL B 1 7  ? -5.587  13.925  -9.259  1.00 28.06  ? 7  VAL B O   1 
ATOM   342 C CB  . VAL B 1 7  ? -4.910  16.919  -10.490 1.00 31.24  ? 7  VAL B CB  1 
ATOM   343 C CG1 . VAL B 1 7  ? -4.019  16.510  -9.265  1.00 33.16  ? 7  VAL B CG1 1 
ATOM   344 C CG2 . VAL B 1 7  ? -4.041  17.328  -11.636 1.00 37.74  ? 7  VAL B CG2 1 
ATOM   345 N N   . LEU B 1 8  ? -7.224  15.458  -9.071  1.00 39.47  ? 8  LEU B N   1 
ATOM   346 C CA  . LEU B 1 8  ? -7.832  14.841  -7.919  1.00 39.93  ? 8  LEU B CA  1 
ATOM   347 C C   . LEU B 1 8  ? -8.405  13.530  -8.403  1.00 36.33  ? 8  LEU B C   1 
ATOM   348 O O   . LEU B 1 8  ? -8.357  12.472  -7.701  1.00 37.91  ? 8  LEU B O   1 
ATOM   349 C CB  . LEU B 1 8  ? -8.981  15.739  -7.374  1.00 35.63  ? 8  LEU B CB  1 
ATOM   350 C CG  . LEU B 1 8  ? -8.656  16.804  -6.315  1.00 40.34  ? 8  LEU B CG  1 
ATOM   351 C CD1 . LEU B 1 8  ? -9.933  17.533  -5.812  1.00 39.18  ? 8  LEU B CD1 1 
ATOM   352 C CD2 . LEU B 1 8  ? -7.923  16.117  -5.143  1.00 32.85  ? 8  LEU B CD2 1 
ATOM   353 N N   . LYS B 1 9  ? -8.990  13.559  -9.584  1.00 26.47  ? 9  LYS B N   1 
ATOM   354 C CA  . LYS B 1 9  ? -9.587  12.299  -10.042 1.00 30.10  ? 9  LYS B CA  1 
ATOM   355 C C   . LYS B 1 9  ? -8.542  11.248  -10.223 1.00 28.41  ? 9  LYS B C   1 
ATOM   356 O O   . LYS B 1 9  ? -8.773  10.079  -9.943  1.00 26.80  ? 9  LYS B O   1 
ATOM   357 C CB  . LYS B 1 9  ? -10.362 12.496  -11.338 1.00 34.51  ? 9  LYS B CB  1 
ATOM   358 C CG  . LYS B 1 9  ? -10.828 11.168  -11.991 1.00 45.89  ? 9  LYS B CG  1 
ATOM   359 C CD  . LYS B 1 9  ? -11.475 11.332  -13.393 1.00 60.79  ? 9  LYS B CD  1 
ATOM   360 C CE  . LYS B 1 9  ? -10.426 11.581  -14.506 1.00 73.71  ? 9  LYS B CE  1 
ATOM   361 N NZ  . LYS B 1 9  ? -10.949 11.429  -15.930 1.00 81.91  ? 9  LYS B NZ  1 
ATOM   362 N N   . LYS B 1 10 ? -7.389  11.647  -10.691 1.00 25.70  ? 10 LYS B N   1 
ATOM   363 C CA  . LYS B 1 10 ? -6.284  10.729  -10.953 1.00 29.42  ? 10 LYS B CA  1 
ATOM   364 C C   . LYS B 1 10 ? -5.714  10.300  -9.623  1.00 18.25  ? 10 LYS B C   1 
ATOM   365 O O   . LYS B 1 10 ? -5.451  9.140   -9.368  1.00 21.82  ? 10 LYS B O   1 
ATOM   366 C CB  . LYS B 1 10 ? -5.260  11.487  -11.832 1.00 38.00  ? 10 LYS B CB  1 
ATOM   367 C CG  . LYS B 1 10 ? -3.899  10.836  -12.149 1.00 47.13  ? 10 LYS B CG  1 
ATOM   368 C CD  . LYS B 1 10 ? -3.947  9.901   -13.414 1.00 64.03  ? 10 LYS B CD  1 
ATOM   369 C CE  . LYS B 1 10 ? -2.742  10.127  -14.362 1.00 55.37  ? 10 LYS B CE  1 
ATOM   370 N NZ  . LYS B 1 10 ? -2.464  11.588  -14.776 1.00 30.91  ? 10 LYS B NZ  1 
ATOM   371 N N   . LEU B 1 11 ? -5.649  11.191  -8.671  1.00 20.94  ? 11 LEU B N   1 
ATOM   372 C CA  . LEU B 1 11 ? -5.086  10.785  -7.365  1.00 24.71  ? 11 LEU B CA  1 
ATOM   373 C C   . LEU B 1 11 ? -6.073  9.806   -6.675  1.00 16.12  ? 11 LEU B C   1 
ATOM   374 O O   . LEU B 1 11 ? -5.725  8.897   -5.938  1.00 18.43  ? 11 LEU B O   1 
ATOM   375 C CB  . LEU B 1 11 ? -4.932  12.041  -6.532  1.00 27.05  ? 11 LEU B CB  1 
ATOM   376 C CG  . LEU B 1 11 ? -3.609  12.775  -6.808  1.00 13.60  ? 11 LEU B CG  1 
ATOM   377 C CD1 . LEU B 1 11 ? -3.820  14.005  -5.981  1.00 27.77  ? 11 LEU B CD1 1 
ATOM   378 C CD2 . LEU B 1 11 ? -2.401  11.932  -6.108  1.00 19.60  ? 11 LEU B CD2 1 
ATOM   379 N N   . ARG B 1 12 ? -7.360  9.964   -6.919  1.00 21.74  ? 12 ARG B N   1 
ATOM   380 C CA  . ARG B 1 12 ? -8.344  9.103   -6.273  1.00 22.99  ? 12 ARG B CA  1 
ATOM   381 C C   . ARG B 1 12 ? -8.210  7.658   -6.811  1.00 22.11  ? 12 ARG B C   1 
ATOM   382 O O   . ARG B 1 12 ? -8.219  6.708   -6.099  1.00 14.60  ? 12 ARG B O   1 
ATOM   383 C CB  . ARG B 1 12 ? -9.714  9.733   -6.481  1.00 26.61  ? 12 ARG B CB  1 
ATOM   384 C CG  . ARG B 1 12 ? -10.813 9.379   -5.401  1.00 39.22  ? 12 ARG B CG  1 
ATOM   385 C CD  . ARG B 1 12 ? -12.315 9.733   -5.928  1.00 52.94  ? 12 ARG B CD  1 
ATOM   386 N NE  . ARG B 1 12 ? -12.465 11.028  -6.648  1.00 53.87  ? 12 ARG B NE  1 
ATOM   387 C CZ  . ARG B 1 12 ? -12.011 12.218  -6.239  1.00 52.07  ? 12 ARG B CZ  1 
ATOM   388 N NH1 . ARG B 1 12 ? -11.348 12.386  -5.063  1.00 59.82  ? 12 ARG B NH1 1 
ATOM   389 N NH2 . ARG B 1 12 ? -12.166 13.251  -7.046  1.00 59.12  ? 12 ARG B NH2 1 
ATOM   390 N N   . ALA B 1 13 ? -8.011  7.539   -8.100  1.00 12.50  ? 13 ALA B N   1 
ATOM   391 C CA  . ALA B 1 13 ? -7.735  6.253   -8.709  1.00 11.58  ? 13 ALA B CA  1 
ATOM   392 C C   . ALA B 1 13 ? -6.468  5.702   -8.143  1.00 15.22  ? 13 ALA B C   1 
ATOM   393 O O   . ALA B 1 13 ? -6.341  4.549   -7.774  1.00 15.84  ? 13 ALA B O   1 
ATOM   394 C CB  . ALA B 1 13 ? -7.574  6.503   -10.316 1.00 23.41  ? 13 ALA B CB  1 
ATOM   395 N N   . VAL B 1 14 ? -5.491  6.558   -7.961  1.00 15.58  ? 14 VAL B N   1 
ATOM   396 C CA  . VAL B 1 14 ? -4.234  6.059   -7.412  1.00 21.19  ? 14 VAL B CA  1 
ATOM   397 C C   . VAL B 1 14 ? -4.380  5.506   -6.011  1.00 21.07  ? 14 VAL B C   1 
ATOM   398 O O   . VAL B 1 14 ? -3.746  4.500   -5.602  1.00 12.78  ? 14 VAL B O   1 
ATOM   399 C CB  . VAL B 1 14 ? -3.196  7.235   -7.389  1.00 25.00  ? 14 VAL B CB  1 
ATOM   400 C CG1 . VAL B 1 14 ? -2.014  6.921   -6.428  1.00 17.90  ? 14 VAL B CG1 1 
ATOM   401 C CG2 . VAL B 1 14 ? -2.633  7.372   -8.694  1.00 16.37  ? 14 VAL B CG2 1 
ATOM   402 N N   . GLU B 1 15 ? -5.044  6.282   -5.168  1.00 11.45  ? 15 GLU B N   1 
ATOM   403 C CA  . GLU B 1 15 ? -5.266  5.835   -3.816  1.00 14.70  ? 15 GLU B CA  1 
ATOM   404 C C   . GLU B 1 15 ? -6.203  4.593   -3.790  1.00 16.22  ? 15 GLU B C   1 
ATOM   405 O O   . GLU B 1 15 ? -5.942  3.635   -3.015  1.00 16.86  ? 15 GLU B O   1 
ATOM   406 C CB  . GLU B 1 15 ? -5.815  7.042   -2.966  1.00 19.37  ? 15 GLU B CB  1 
ATOM   407 C CG  . GLU B 1 15 ? -6.067  6.761   -1.416  1.00 16.24  ? 15 GLU B CG  1 
ATOM   408 C CD  . GLU B 1 15 ? -7.064  5.687   -1.001  1.00 27.81  ? 15 GLU B CD  1 
ATOM   409 O OE1 . GLU B 1 15 ? -8.155  5.597   -1.594  1.00 15.56  ? 15 GLU B OE1 1 
ATOM   410 O OE2 . GLU B 1 15 ? -6.766  4.905   -0.023  1.00 17.28  ? 15 GLU B OE2 1 
ATOM   411 N N   . ASN B 1 16 ? -7.231  4.499   -4.650  1.00 20.32  ? 16 ASN B N   1 
ATOM   412 C CA  . ASN B 1 16 ? -7.978  3.246   -4.653  1.00 18.15  ? 16 ASN B CA  1 
ATOM   413 C C   . ASN B 1 16 ? -7.049  2.016   -5.081  1.00 20.97  ? 16 ASN B C   1 
ATOM   414 O O   . ASN B 1 16 ? -7.132  0.869   -4.527  1.00 17.32  ? 16 ASN B O   1 
ATOM   415 C CB  . ASN B 1 16 ? -9.227  3.363   -5.628  1.00 16.32  ? 16 ASN B CB  1 
ATOM   416 C CG  . ASN B 1 16 ? -10.381 4.214   -5.019  1.00 25.58  ? 16 ASN B CG  1 
ATOM   417 O OD1 . ASN B 1 16 ? -10.575 4.232   -3.828  1.00 18.06  ? 16 ASN B OD1 1 
ATOM   418 N ND2 . ASN B 1 16 ? -11.127 4.934   -5.855  1.00 18.14  ? 16 ASN B ND2 1 
ATOM   419 N N   . GLU B 1 17 ? -6.245  2.212   -6.117  1.00 16.23  ? 17 GLU B N   1 
ATOM   420 C CA  . GLU B 1 17 ? -5.342  1.150   -6.577  1.00 13.45  ? 17 GLU B CA  1 
ATOM   421 C C   . GLU B 1 17 ? -4.356  0.778   -5.533  1.00 17.32  ? 17 GLU B C   1 
ATOM   422 O O   . GLU B 1 17 ? -4.095  -0.400  -5.356  1.00 21.60  ? 17 GLU B O   1 
ATOM   423 C CB  . GLU B 1 17 ? -4.721  1.517   -7.894  1.00 15.51  ? 17 GLU B CB  1 
ATOM   424 C CG  . GLU B 1 17 ? -5.757  1.589   -8.998  1.00 26.26  ? 17 GLU B CG  1 
ATOM   425 C CD  . GLU B 1 17 ? -5.179  2.113   -10.288 1.00 22.88  ? 17 GLU B CD  1 
ATOM   426 O OE1 . GLU B 1 17 ? -3.888  1.964   -10.535 1.00 27.21  ? 17 GLU B OE1 1 
ATOM   427 O OE2 . GLU B 1 17 ? -6.006  2.639   -11.081 1.00 19.63  ? 17 GLU B OE2 1 
ATOM   428 N N   . LEU B 1 18 ? -3.879  1.734   -4.737  1.00 16.54  ? 18 LEU B N   1 
ATOM   429 C CA  . LEU B 1 18 ? -2.964  1.371   -3.641  1.00 16.69  ? 18 LEU B CA  1 
ATOM   430 C C   . LEU B 1 18 ? -3.712  0.562   -2.617  1.00 14.10  ? 18 LEU B C   1 
ATOM   431 O O   . LEU B 1 18 ? -3.132  -0.360  -2.068  1.00 19.64  ? 18 LEU B O   1 
ATOM   432 C CB  . LEU B 1 18 ? -2.435  2.742   -3.036  1.00 13.71  ? 18 LEU B CB  1 
ATOM   433 C CG  . LEU B 1 18 ? -1.135  3.147   -2.331  1.00 32.10  ? 18 LEU B CG  1 
ATOM   434 C CD1 . LEU B 1 18 ? 0.067   2.352   -2.889  1.00 17.89  ? 18 LEU B CD1 1 
ATOM   435 C CD2 . LEU B 1 18 ? -1.063  4.768   -2.489  1.00 14.20  ? 18 LEU B CD2 1 
ATOM   436 N N   . HIS B 1 19 ? -4.997  0.931   -2.250  1.00 16.59  ? 19 HIS B N   1 
ATOM   437 C CA  . HIS B 1 19 ? -5.751  0.125   -1.239  1.00 19.26  ? 19 HIS B CA  1 
ATOM   438 C C   . HIS B 1 19 ? -5.985  -1.312  -1.784  1.00 10.44  ? 19 HIS B C   1 
ATOM   439 O O   . HIS B 1 19 ? -5.995  -2.330  -1.019  1.00 13.20  ? 19 HIS B O   1 
ATOM   440 C CB  . HIS B 1 19 ? -7.089  0.800   -0.902  1.00 26.20  ? 19 HIS B CB  1 
ATOM   441 C CG  . HIS B 1 19 ? -7.994  -0.045  -0.050  1.00 21.26  ? 19 HIS B CG  1 
ATOM   442 N ND1 . HIS B 1 19 ? -7.987  -0.017  1.334   1.00 23.68  ? 19 HIS B ND1 1 
ATOM   443 C CD2 . HIS B 1 19 ? -8.828  -1.076  -0.389  1.00 19.84  ? 19 HIS B CD2 1 
ATOM   444 C CE1 . HIS B 1 19 ? -8.745  -0.994  1.811   1.00 18.04  ? 19 HIS B CE1 1 
ATOM   445 N NE2 . HIS B 1 19 ? -9.275  -1.653  0.796   1.00 19.59  ? 19 HIS B NE2 1 
ATOM   446 N N   . TYR B 1 20 ? -6.111  -1.441  -3.087  1.00 11.19  ? 20 TYR B N   1 
ATOM   447 C CA  . TYR B 1 20 ? -6.315  -2.836  -3.644  1.00 10.57  ? 20 TYR B CA  1 
ATOM   448 C C   . TYR B 1 20 ? -5.012  -3.638  -3.425  1.00 10.33  ? 20 TYR B C   1 
ATOM   449 O O   . TYR B 1 20 ? -5.046  -4.824  -3.104  1.00 12.02  ? 20 TYR B O   1 
ATOM   450 C CB  . TYR B 1 20 ? -6.674  -2.752  -5.167  1.00 15.30  ? 20 TYR B CB  1 
ATOM   451 C CG  . TYR B 1 20 ? -6.774  -4.105  -5.831  1.00 18.65  ? 20 TYR B CG  1 
ATOM   452 C CD1 . TYR B 1 20 ? -7.979  -4.823  -5.899  1.00 32.39  ? 20 TYR B CD1 1 
ATOM   453 C CD2 . TYR B 1 20 ? -5.640  -4.747  -6.309  1.00 24.37  ? 20 TYR B CD2 1 
ATOM   454 C CE1 . TYR B 1 20 ? -8.018  -6.188  -6.418  1.00 39.00  ? 20 TYR B CE1 1 
ATOM   455 C CE2 . TYR B 1 20 ? -5.699  -6.087  -6.839  1.00 28.10  ? 20 TYR B CE2 1 
ATOM   456 C CZ  . TYR B 1 20 ? -6.870  -6.790  -6.874  1.00 32.09  ? 20 TYR B CZ  1 
ATOM   457 O OH  . TYR B 1 20 ? -6.862  -8.139  -7.356  1.00 37.81  ? 20 TYR B OH  1 
ATOM   458 N N   . ASN B 1 21 ? -3.880  -3.032  -3.684  1.00 8.90   ? 21 ASN B N   1 
ATOM   459 C CA  . ASN B 1 21 ? -2.547  -3.757  -3.473  1.00 13.83  ? 21 ASN B CA  1 
ATOM   460 C C   . ASN B 1 21 ? -2.422  -3.986  -2.032  1.00 16.51  ? 21 ASN B C   1 
ATOM   461 O O   . ASN B 1 21 ? -1.898  -4.994  -1.569  1.00 14.61  ? 21 ASN B O   1 
ATOM   462 C CB  . ASN B 1 21 ? -1.361  -2.837  -3.956  1.00 9.98   ? 21 ASN B CB  1 
ATOM   463 C CG  . ASN B 1 21 ? -1.214  -2.806  -5.432  1.00 18.47  ? 21 ASN B CG  1 
ATOM   464 O OD1 . ASN B 1 21 ? -0.331  -2.099  -6.013  1.00 25.24  ? 21 ASN B OD1 1 
ATOM   465 N ND2 . ASN B 1 21 ? -2.023  -3.556  -6.072  1.00 19.37  ? 21 ASN B ND2 1 
ATOM   466 N N   . LYS B 1 22 ? -2.853  -3.050  -1.201  1.00 19.99  ? 22 LYS B N   1 
ATOM   467 C CA  . LYS B 1 22 ? -2.827  -3.350  0.254   1.00 18.88  ? 22 LYS B CA  1 
ATOM   468 C C   . LYS B 1 22 ? -3.607  -4.586  0.737   1.00 16.27  ? 22 LYS B C   1 
ATOM   469 O O   . LYS B 1 22 ? -3.152  -5.389  1.596   1.00 22.22  ? 22 LYS B O   1 
ATOM   470 C CB  . LYS B 1 22 ? -3.189  -2.048  1.086   1.00 25.65  ? 22 LYS B CB  1 
ATOM   471 C CG  . LYS B 1 22 ? -3.514  -2.322  2.652   1.00 24.78  ? 22 LYS B CG  1 
ATOM   472 C CD  . LYS B 1 22 ? -4.044  -1.154  3.411   1.00 30.46  ? 22 LYS B CD  1 
ATOM   473 C CE  . LYS B 1 22 ? -4.888  -1.542  4.529   1.00 31.95  ? 22 LYS B CE  1 
ATOM   474 N NZ  . LYS B 1 22 ? -4.335  -2.741  5.219   1.00 46.45  ? 22 LYS B NZ  1 
ATOM   475 N N   . SER B 1 23 ? -4.831  -4.804  0.252   1.00 23.39  ? 23 SER B N   1 
ATOM   476 C CA  . SER B 1 23 ? -5.655  -5.987  0.649   1.00 19.59  ? 23 SER B CA  1 
ATOM   477 C C   . SER B 1 23 ? -4.976  -7.245  0.066   1.00 11.96  ? 23 SER B C   1 
ATOM   478 O O   . SER B 1 23 ? -5.029  -8.314  0.662   1.00 13.64  ? 23 SER B O   1 
ATOM   479 C CB  . SER B 1 23 ? -7.064  -5.931  0.043   1.00 27.22  ? 23 SER B CB  1 
ATOM   480 O OG  . SER B 1 23 ? -7.556  -4.593  0.273   1.00 26.54  ? 23 SER B OG  1 
ATOM   481 N N   . LEU B 1 24 ? -4.395  -7.118  -1.118  1.00 12.15  ? 24 LEU B N   1 
ATOM   482 C CA  . LEU B 1 24 ? -3.721  -8.307  -1.643  1.00 18.55  ? 24 LEU B CA  1 
ATOM   483 C C   . LEU B 1 24 ? -2.483  -8.699  -0.835  1.00 16.88  ? 24 LEU B C   1 
ATOM   484 O O   . LEU B 1 24 ? -2.212  -9.889  -0.527  1.00 20.76  ? 24 LEU B O   1 
ATOM   485 C CB  . LEU B 1 24 ? -3.378  -8.035  -3.025  1.00 24.73  ? 24 LEU B CB  1 
ATOM   486 C CG  . LEU B 1 24 ? -3.004  -9.121  -3.965  1.00 46.38  ? 24 LEU B CG  1 
ATOM   487 C CD1 . LEU B 1 24 ? -4.045  -10.297 -3.806  1.00 43.43  ? 24 LEU B CD1 1 
ATOM   488 C CD2 . LEU B 1 24 ? -2.980  -8.408  -5.407  1.00 34.26  ? 24 LEU B CD2 1 
ATOM   489 N N   . LEU B 1 25 ? -1.707  -7.684  -0.468  1.00 20.78  ? 25 LEU B N   1 
ATOM   490 C CA  . LEU B 1 25 ? -0.486  -7.888  0.349   1.00 20.63  ? 25 LEU B CA  1 
ATOM   491 C C   . LEU B 1 25 ? -0.893  -8.479  1.636   1.00 21.85  ? 25 LEU B C   1 
ATOM   492 O O   . LEU B 1 25 ? -0.153  -9.279  2.155   1.00 19.69  ? 25 LEU B O   1 
ATOM   493 C CB  . LEU B 1 25 ? 0.157   -6.522  0.585   1.00 23.37  ? 25 LEU B CB  1 
ATOM   494 C CG  . LEU B 1 25 ? 1.647   -6.222  0.674   1.00 34.04  ? 25 LEU B CG  1 
ATOM   495 C CD1 . LEU B 1 25 ? 2.679   -7.272  0.030   1.00 18.69  ? 25 LEU B CD1 1 
ATOM   496 C CD2 . LEU B 1 25 ? 1.653   -4.896  -0.062  1.00 29.90  ? 25 LEU B CD2 1 
ATOM   497 N N   . GLU B 1 26 ? -1.998  -8.027  2.272   1.00 17.74  ? 26 GLU B N   1 
ATOM   498 C CA  . GLU B 1 26 ? -2.436  -8.654  3.538   1.00 22.35  ? 26 GLU B CA  1 
ATOM   499 C C   . GLU B 1 26 ? -2.855  -10.142 3.297   1.00 28.42  ? 26 GLU B C   1 
ATOM   500 O O   . GLU B 1 26 ? -2.692  -11.013 4.151   1.00 23.72  ? 26 GLU B O   1 
ATOM   501 C CB  . GLU B 1 26 ? -3.676  -7.964  4.149   1.00 23.94  ? 26 GLU B CB  1 
ATOM   502 C CG  . GLU B 1 26 ? -3.599  -6.524  4.503   1.00 35.33  ? 26 GLU B CG  1 
ATOM   503 C CD  . GLU B 1 26 ? -3.004  -6.174  5.814   1.00 33.00  ? 26 GLU B CD  1 
ATOM   504 O OE1 . GLU B 1 26 ? -3.140  -5.002  6.223   1.00 49.81  ? 26 GLU B OE1 1 
ATOM   505 O OE2 . GLU B 1 26 ? -2.427  -7.004  6.471   1.00 52.73  ? 26 GLU B OE2 1 
ATOM   506 N N   . GLU B 1 27 ? -3.451  -10.382 2.144   1.00 22.63  ? 27 GLU B N   1 
ATOM   507 C CA  . GLU B 1 27 ? -3.837  -11.728 1.751   1.00 24.59  ? 27 GLU B CA  1 
ATOM   508 C C   . GLU B 1 27 ? -2.552  -12.578 1.589   1.00 24.54  ? 27 GLU B C   1 
ATOM   509 O O   . GLU B 1 27 ? -2.494  -13.768 2.093   1.00 27.19  ? 27 GLU B O   1 
ATOM   510 C CB  . GLU B 1 27 ? -4.637  -11.729 0.445   1.00 25.65  ? 27 GLU B CB  1 
ATOM   511 C CG  . GLU B 1 27 ? -4.648  -13.149 -0.267  1.00 37.54  ? 27 GLU B CG  1 
ATOM   512 C CD  . GLU B 1 27 ? -5.570  -13.287 -1.548  1.00 43.24  ? 27 GLU B CD  1 
ATOM   513 O OE1 . GLU B 1 27 ? -5.678  -12.339 -2.367  1.00 30.41  ? 27 GLU B OE1 1 
ATOM   514 O OE2 . GLU B 1 27 ? -6.167  -14.377 -1.757  1.00 50.10  ? 27 GLU B OE2 1 
ATOM   515 N N   . VAL B 1 28 ? -1.511  -12.018 0.988   1.00 23.86  ? 28 VAL B N   1 
ATOM   516 C CA  . VAL B 1 28 ? -0.213  -12.766 0.878   1.00 19.21  ? 28 VAL B CA  1 
ATOM   517 C C   . VAL B 1 28 ? 0.310   -13.012 2.247   1.00 24.01  ? 28 VAL B C   1 
ATOM   518 O O   . VAL B 1 28 ? 0.715   -14.087 2.619   1.00 19.83  ? 28 VAL B O   1 
ATOM   519 C CB  . VAL B 1 28 ? 0.858   -11.905 0.118   1.00 20.70  ? 28 VAL B CB  1 
ATOM   520 C CG1 . VAL B 1 28 ? 2.341   -12.570 0.322   1.00 15.21  ? 28 VAL B CG1 1 
ATOM   521 C CG2 . VAL B 1 28 ? 0.549   -11.924 -1.287  1.00 16.04  ? 28 VAL B CG2 1 
ATOM   522 N N   . LYS B 1 29 ? 0.441   -11.977 3.042   1.00 27.26  ? 29 LYS B N   1 
ATOM   523 C CA  . LYS B 1 29 ? 0.895   -12.180 4.397   1.00 28.73  ? 29 LYS B CA  1 
ATOM   524 C C   . LYS B 1 29 ? 0.078   -13.238 5.179   1.00 33.92  ? 29 LYS B C   1 
ATOM   525 O O   . LYS B 1 29 ? 0.655   -14.048 5.924   1.00 31.80  ? 29 LYS B O   1 
ATOM   526 C CB  . LYS B 1 29 ? 0.743   -10.902 5.166   1.00 23.75  ? 29 LYS B CB  1 
ATOM   527 C CG  . LYS B 1 29 ? 1.715   -10.763 6.365   1.00 25.48  ? 29 LYS B CG  1 
ATOM   528 C CD  . LYS B 1 29 ? 1.339   -9.525  7.088   1.00 48.83  ? 29 LYS B CD  1 
ATOM   529 C CE  . LYS B 1 29 ? 0.113   -9.760  7.839   1.00 44.78  ? 29 LYS B CE  1 
ATOM   530 N NZ  . LYS B 1 29 ? 0.592   -10.806 8.720   1.00 52.00  ? 29 LYS B NZ  1 
ATOM   531 N N   . ASP B 1 30 ? -1.257  -13.165 5.106   1.00 32.62  ? 30 ASP B N   1 
ATOM   532 C CA  . ASP B 1 30 ? -2.092  -14.128 5.864   1.00 39.24  ? 30 ASP B CA  1 
ATOM   533 C C   . ASP B 1 30 ? -1.779  -15.512 5.315   1.00 39.95  ? 30 ASP B C   1 
ATOM   534 O O   . ASP B 1 30 ? -1.738  -16.454 6.045   1.00 42.71  ? 30 ASP B O   1 
ATOM   535 C CB  . ASP B 1 30 ? -3.652  -13.967 5.702   1.00 32.32  ? 30 ASP B CB  1 
ATOM   536 C CG  . ASP B 1 30 ? -4.209  -12.586 6.121   1.00 41.42  ? 30 ASP B CG  1 
ATOM   537 O OD1 . ASP B 1 30 ? -3.566  -11.882 6.940   1.00 37.11  ? 30 ASP B OD1 1 
ATOM   538 O OD2 . ASP B 1 30 ? -5.327  -12.237 5.611   1.00 39.32  ? 30 ASP B OD2 1 
ATOM   539 N N   . GLU B 1 31 ? -1.622  -15.637 4.005   1.00 38.86  ? 31 GLU B N   1 
ATOM   540 C CA  . GLU B 1 31 ? -1.360  -16.947 3.467   1.00 39.16  ? 31 GLU B CA  1 
ATOM   541 C C   . GLU B 1 31 ? -0.049  -17.435 3.845   1.00 39.28  ? 31 GLU B C   1 
ATOM   542 O O   . GLU B 1 31 ? 0.158   -18.634 3.968   1.00 43.69  ? 31 GLU B O   1 
ATOM   543 C CB  . GLU B 1 31 ? -1.523  -16.976 1.968   1.00 31.19  ? 31 GLU B CB  1 
ATOM   544 C CG  . GLU B 1 31 ? -3.040  -16.978 1.631   1.00 35.20  ? 31 GLU B CG  1 
ATOM   545 C CD  . GLU B 1 31 ? -3.302  -16.714 0.186   1.00 46.37  ? 31 GLU B CD  1 
ATOM   546 O OE1 . GLU B 1 31 ? -4.491  -16.367 -0.124  1.00 46.50  ? 31 GLU B OE1 1 
ATOM   547 O OE2 . GLU B 1 31 ? -2.302  -16.860 -0.612  1.00 49.29  ? 31 GLU B OE2 1 
ATOM   548 N N   . LEU B 1 32 ? 0.883   -16.535 4.066   1.00 30.84  ? 32 LEU B N   1 
ATOM   549 C CA  . LEU B 1 32 ? 2.203   -17.017 4.492   1.00 34.28  ? 32 LEU B CA  1 
ATOM   550 C C   . LEU B 1 32 ? 2.203   -17.448 5.937   1.00 40.25  ? 32 LEU B C   1 
ATOM   551 O O   . LEU B 1 32 ? 2.838   -18.438 6.341   1.00 42.40  ? 32 LEU B O   1 
ATOM   552 C CB  . LEU B 1 32 ? 3.225   -15.902 4.411   1.00 42.13  ? 32 LEU B CB  1 
ATOM   553 C CG  . LEU B 1 32 ? 3.938   -15.715 3.119   1.00 38.21  ? 32 LEU B CG  1 
ATOM   554 C CD1 . LEU B 1 32 ? 4.923   -14.582 3.456   1.00 47.43  ? 32 LEU B CD1 1 
ATOM   555 C CD2 . LEU B 1 32 ? 4.726   -16.993 2.669   1.00 50.19  ? 32 LEU B CD2 1 
ATOM   556 N N   . GLN B 1 33 ? 1.607   -16.625 6.789   1.00 42.03  ? 33 GLN B N   1 
ATOM   557 C CA  . GLN B 1 33 ? 1.666   -16.977 8.213   1.00 49.99  ? 33 GLN B CA  1 
ATOM   558 C C   . GLN B 1 33 ? 0.787   -18.164 8.473   1.00 59.97  ? 33 GLN B C   1 
ATOM   559 O O   . GLN B 1 33 ? 0.600   -18.583 9.603   1.00 66.99  ? 33 GLN B O   1 
ATOM   560 C CB  . GLN B 1 33 ? 1.241   -15.802 9.066   1.00 39.77  ? 33 GLN B CB  1 
ATOM   561 C CG  . GLN B 1 33 ? 2.003   -14.519 8.664   1.00 55.59  ? 33 GLN B CG  1 
ATOM   562 C CD  . GLN B 1 33 ? 1.820   -13.448 9.683   1.00 66.19  ? 33 GLN B CD  1 
ATOM   563 O OE1 . GLN B 1 33 ? 0.698   -13.028 9.937   1.00 51.58  ? 33 GLN B OE1 1 
ATOM   564 N NE2 . GLN B 1 33 ? 2.924   -13.005 10.306  1.00 61.49  ? 33 GLN B NE2 1 
ATOM   565 N N   . LYS B 1 34 ? 0.243   -18.689 7.396   1.00 65.68  ? 34 LYS B N   1 
ATOM   566 C CA  . LYS B 1 34 ? -0.626  -19.829 7.431   1.00 68.69  ? 34 LYS B CA  1 
ATOM   567 C C   . LYS B 1 34 ? 0.278   -21.031 7.202   1.00 73.22  ? 34 LYS B C   1 
ATOM   568 O O   . LYS B 1 34 ? 0.451   -21.861 8.099   1.00 77.87  ? 34 LYS B O   1 
ATOM   569 C CB  . LYS B 1 34 ? -1.634  -19.703 6.293   1.00 70.05  ? 34 LYS B CB  1 
ATOM   570 C CG  . LYS B 1 34 ? -2.859  -20.522 6.435   1.00 74.65  ? 34 LYS B CG  1 
ATOM   571 C CD  . LYS B 1 34 ? -3.834  -20.143 5.350   1.00 73.43  ? 34 LYS B CD  1 
ATOM   572 C CE  . LYS B 1 34 ? -5.120  -19.545 5.922   1.00 74.23  ? 34 LYS B CE  1 
ATOM   573 N NZ  . LYS B 1 34 ? -6.108  -19.169 4.853   1.00 69.20  ? 34 LYS B NZ  1 
ATOM   574 N N   . MET B 1 35 ? 0.875   -21.112 6.013   1.00 70.56  ? 35 MET B N   1 
ATOM   575 C CA  . MET B 1 35 ? 1.749   -22.229 5.698   1.00 70.89  ? 35 MET B CA  1 
ATOM   576 C C   . MET B 1 35 ? 3.082   -22.199 6.440   1.00 73.81  ? 35 MET B C   1 
ATOM   577 O O   . MET B 1 35 ? 4.104   -22.649 5.911   1.00 69.12  ? 35 MET B O   1 
ATOM   578 C CB  . MET B 1 35 ? 2.012   -22.307 4.196   1.00 55.52  ? 35 MET B CB  1 
ATOM   579 C CG  . MET B 1 35 ? 2.438   -21.046 3.579   1.00 69.61  ? 35 MET B CG  1 
ATOM   580 S SD  . MET B 1 35 ? 3.351   -21.438 2.104   1.00 82.49  ? 35 MET B SD  1 
ATOM   581 C CE  . MET B 1 35 ? 4.996   -21.284 2.718   1.00 74.70  ? 35 MET B CE  1 
ATOM   582 N N   . ARG B 1 36 ? 3.067   -21.636 7.649   1.00 75.31  ? 36 ARG B N   1 
ATOM   583 C CA  . ARG B 1 36 ? 4.236   -21.593 8.524   1.00 77.07  ? 36 ARG B CA  1 
ATOM   584 C C   . ARG B 1 36 ? 3.678   -22.458 9.635   1.00 79.04  ? 36 ARG B C   1 
ATOM   585 O O   . ARG B 1 36 ? 3.921   -22.244 10.814  1.00 77.26  ? 36 ARG B O   1 
ATOM   586 C CB  . ARG B 1 36 ? 4.478   -20.188 9.049   1.00 83.09  ? 36 ARG B CB  1 
ATOM   587 C CG  . ARG B 1 36 ? 5.580   -20.101 10.057  1.00 86.90  ? 36 ARG B CG  1 
ATOM   588 C CD  . ARG B 1 36 ? 5.179   -19.153 11.160  1.00 93.47  ? 36 ARG B CD  1 
ATOM   589 N NE  . ARG B 1 36 ? 4.599   -17.934 10.621  1.00 94.21  ? 36 ARG B NE  1 
ATOM   590 C CZ  . ARG B 1 36 ? 3.970   -17.027 11.357  1.00 99.77  ? 36 ARG B CZ  1 
ATOM   591 N NH1 . ARG B 1 36 ? 3.838   -17.207 12.662  1.00 101.13 ? 36 ARG B NH1 1 
ATOM   592 N NH2 . ARG B 1 36 ? 3.477   -15.938 10.785  1.00 100.73 ? 36 ARG B NH2 1 
ATOM   593 N N   . GLN B 1 37 ? 2.880   -23.422 9.217   1.00 88.47  ? 37 GLN B N   1 
ATOM   594 C CA  . GLN B 1 37 ? 2.203   -24.324 10.117  1.00 93.67  ? 37 GLN B CA  1 
ATOM   595 C C   . GLN B 1 37 ? 1.830   -25.587 9.335   1.00 92.58  ? 37 GLN B C   1 
ATOM   596 O O   . GLN B 1 37 ? 2.160   -26.696 9.757   1.00 95.19  ? 37 GLN B O   1 
ATOM   597 C CB  . GLN B 1 37 ? 0.956   -23.603 10.677  1.00 100.86 ? 37 GLN B CB  1 
ATOM   598 C CG  . GLN B 1 37 ? -0.200  -24.479 11.167  1.00 111.29 ? 37 GLN B CG  1 
ATOM   599 C CD  . GLN B 1 37 ? -1.408  -23.642 11.599  1.00 115.93 ? 37 GLN B CD  1 
ATOM   600 O OE1 . GLN B 1 37 ? -1.980  -22.881 10.798  1.00 121.10 ? 37 GLN B OE1 1 
ATOM   601 N NE2 . GLN B 1 37 ? -1.793  -23.770 12.872  1.00 120.84 ? 37 GLN B NE2 1 
ATOM   602 N N   . LEU B 1 38 ? 1.168   -25.404 8.193   1.00 91.58  ? 38 LEU B N   1 
ATOM   603 C CA  . LEU B 1 38 ? 0.729   -26.522 7.336   1.00 91.99  ? 38 LEU B CA  1 
ATOM   604 C C   . LEU B 1 38 ? 1.348   -26.502 5.919   1.00 92.97  ? 38 LEU B C   1 
ATOM   605 O O   . LEU B 1 38 ? 1.470   -27.586 5.317   1.00 94.76  ? 38 LEU B O   1 
ATOM   606 C CB  . LEU B 1 38 ? -0.824  -26.580 7.213   1.00 88.44  ? 38 LEU B CB  1 
ATOM   607 C CG  . LEU B 1 38 ? -1.909  -26.827 8.312   1.00 79.47  ? 38 LEU B CG  1 
ATOM   608 C CD1 . LEU B 1 38 ? -3.200  -27.335 7.610   1.00 82.46  ? 38 LEU B CD1 1 
ATOM   609 C CD2 . LEU B 1 38 ? -1.458  -27.851 9.358   1.00 75.09  ? 38 LEU B CD2 1 
ATOM   610 O OXT . LEU B 1 38 ? 1.721   -25.428 5.410   1.00 96.88  ? 38 LEU B OXT 1 
HETATM 611 O O   . HOH C 2 .  ? 9.661   -2.023  6.617   1.00 36.58  ? 39 HOH A O   1 
HETATM 612 O O   . HOH C 2 .  ? -1.879  0.995   2.295   1.00 20.81  ? 40 HOH A O   1 
HETATM 613 O O   . HOH C 2 .  ? 8.502   5.123   3.455   1.00 24.17  ? 41 HOH A O   1 
HETATM 614 O O   . HOH C 2 .  ? 2.708   11.476  3.690   1.00 25.47  ? 42 HOH A O   1 
HETATM 615 O O   . HOH C 2 .  ? -2.861  8.807   6.103   1.00 31.84  ? 43 HOH A O   1 
HETATM 616 O O   . HOH C 2 .  ? -7.407  12.393  2.463   1.00 55.96  ? 44 HOH A O   1 
HETATM 617 O O   . HOH C 2 .  ? -5.293  9.961   -0.932  1.00 27.38  ? 45 HOH A O   1 
HETATM 618 O O   . HOH C 2 .  ? 0.269   -3.654  13.339  1.00 33.44  ? 46 HOH A O   1 
HETATM 619 O O   . HOH C 2 .  ? 8.935   0.271   6.840   1.00 37.23  ? 47 HOH A O   1 
HETATM 620 O O   . HOH C 2 .  ? 9.366   7.666   10.055  1.00 18.15  ? 48 HOH A O   1 
HETATM 621 O O   . HOH C 2 .  ? 0.381   12.316  8.041   1.00 29.37  ? 49 HOH A O   1 
HETATM 622 O O   . HOH C 2 .  ? 13.682  -11.954 10.804  1.00 56.91  ? 50 HOH A O   1 
HETATM 623 O O   . HOH C 2 .  ? 1.851   3.802   6.695   1.00 45.99  ? 51 HOH A O   1 
HETATM 624 O O   . HOH C 2 .  ? -7.299  10.097  0.368   1.00 36.77  ? 52 HOH A O   1 
HETATM 625 O O   . HOH C 2 .  ? 7.929   -4.385  8.972   1.00 26.28  ? 53 HOH A O   1 
HETATM 626 O O   . HOH C 2 .  ? 7.582   10.866  2.457   1.00 49.63  ? 54 HOH A O   1 
HETATM 627 O O   . HOH C 2 .  ? 11.146  5.774   2.240   1.00 47.35  ? 55 HOH A O   1 
HETATM 628 O O   . HOH C 2 .  ? 2.409   23.553  -5.942  1.00 65.08  ? 56 HOH A O   1 
HETATM 629 O O   . HOH C 2 .  ? -2.834  7.084   7.801   1.00 40.20  ? 57 HOH A O   1 
HETATM 630 O O   . HOH C 2 .  ? -2.025  13.337  7.415   1.00 37.66  ? 58 HOH A O   1 
HETATM 631 O O   . HOH C 2 .  ? -2.363  11.053  5.830   1.00 39.69  ? 59 HOH A O   1 
HETATM 632 O O   . HOH C 2 .  ? 14.046  -9.602  5.870   1.00 51.98  ? 60 HOH A O   1 
HETATM 633 O O   . HOH C 2 .  ? 14.064  -23.277 11.913  1.00 73.17  ? 61 HOH A O   1 
HETATM 634 O O   . HOH C 2 .  ? -7.446  7.730   1.780   1.00 48.59  ? 62 HOH A O   1 
HETATM 635 O O   . HOH C 2 .  ? -2.989  8.014   10.888  1.00 71.52  ? 63 HOH A O   1 
HETATM 636 O O   . HOH C 2 .  ? -5.854  22.391  -4.164  1.00 65.15  ? 64 HOH A O   1 
HETATM 637 O O   . HOH D 2 .  ? -5.756  7.445   -16.447 1.00 43.00  ? 39 HOH B O   1 
HETATM 638 O O   . HOH D 2 .  ? -13.609 -1.263  -6.187  1.00 32.21  ? 40 HOH B O   1 
HETATM 639 O O   . HOH D 2 .  ? -14.428 0.775   -8.340  1.00 73.43  ? 41 HOH B O   1 
HETATM 640 O O   . HOH D 2 .  ? -9.203  9.519   -2.473  1.00 35.73  ? 42 HOH B O   1 
HETATM 641 O O   . HOH D 2 .  ? -5.996  -5.765  4.101   1.00 38.79  ? 43 HOH B O   1 
HETATM 642 O O   . HOH D 2 .  ? -6.759  0.624   -13.710 1.00 36.00  ? 44 HOH B O   1 
HETATM 643 O O   . HOH D 2 .  ? -3.884  -1.922  -7.862  1.00 25.18  ? 45 HOH B O   1 
HETATM 644 O O   . HOH D 2 .  ? -6.404  1.883   2.586   1.00 25.41  ? 46 HOH B O   1 
HETATM 645 O O   . HOH D 2 .  ? -9.105  7.430   -3.445  1.00 26.89  ? 47 HOH B O   1 
HETATM 646 O O   . HOH D 2 .  ? -10.544 3.708   -8.834  1.00 30.61  ? 48 HOH B O   1 
HETATM 647 O O   . HOH D 2 .  ? -8.670  8.320   -13.447 1.00 46.21  ? 49 HOH B O   1 
HETATM 648 O O   . HOH D 2 .  ? -4.850  7.574   -11.663 1.00 33.95  ? 50 HOH B O   1 
HETATM 649 O O   . HOH D 2 .  ? -12.297 -10.564 -4.689  1.00 37.68  ? 51 HOH B O   1 
HETATM 650 O O   . HOH D 2 .  ? -7.127  -3.953  3.178   1.00 44.83  ? 52 HOH B O   1 
HETATM 651 O O   . HOH D 2 .  ? -8.830  -0.626  -7.354  1.00 38.99  ? 53 HOH B O   1 
HETATM 652 O O   . HOH D 2 .  ? -13.270 1.361   3.640   1.00 23.21  ? 54 HOH B O   1 
HETATM 653 O O   . HOH D 2 .  ? -13.842 6.033   -5.475  1.00 28.99  ? 55 HOH B O   1 
HETATM 654 O O   . HOH D 2 .  ? -3.250  -15.554 9.581   1.00 74.02  ? 56 HOH B O   1 
HETATM 655 O O   . HOH D 2 .  ? -9.730  -0.894  -4.224  1.00 43.24  ? 57 HOH B O   1 
HETATM 656 O O   . HOH D 2 .  ? -6.283  6.996   -13.622 1.00 43.43  ? 58 HOH B O   1 
HETATM 657 O O   . HOH D 2 .  ? -7.173  -9.112  2.529   1.00 32.10  ? 59 HOH B O   1 
HETATM 658 O O   . HOH D 2 .  ? -5.583  3.431   4.989   1.00 43.95  ? 60 HOH B O   1 
HETATM 659 O O   . HOH D 2 .  ? -7.169  26.129  -17.562 1.00 50.75  ? 61 HOH B O   1 
HETATM 660 O O   . HOH D 2 .  ? -11.522 1.486   -8.519  1.00 45.72  ? 62 HOH B O   1 
HETATM 661 O O   . HOH D 2 .  ? -13.520 7.426   -8.078  1.00 45.56  ? 63 HOH B O   1 
HETATM 662 O O   . HOH D 2 .  ? -11.090 6.333   -8.583  1.00 41.58  ? 64 HOH B O   1 
HETATM 663 O O   . HOH D 2 .  ? -3.335  7.577   -15.328 1.00 42.36  ? 65 HOH B O   1 
HETATM 664 O O   . HOH D 2 .  ? -1.844  -12.246 8.664   1.00 50.35  ? 66 HOH B O   1 
HETATM 665 O O   . HOH D 2 .  ? 4.877   20.531  -17.582 1.00 47.16  ? 67 HOH B O   1 
HETATM 666 O O   . HOH D 2 .  ? -4.990  -26.764 10.497  1.00 65.78  ? 68 HOH B O   1 
HETATM 667 O O   . HOH D 2 .  ? -10.741 0.235   -5.587  1.00 66.46  ? 69 HOH B O   1 
HETATM 668 O O   . HOH D 2 .  ? 2.962   -3.149  -3.866  0.50 21.06  ? 70 HOH B O   1 
HETATM 669 O O   . HOH D 2 .  ? 3.075   -0.862  -4.163  0.50 33.82  ? 71 HOH B O   1 
# 
